data_3LOO
#
_entry.id   3LOO
#
_cell.length_a   50.381
_cell.length_b   76.813
_cell.length_c   140.515
_cell.angle_alpha   90.000
_cell.angle_beta   92.120
_cell.angle_gamma   90.000
#
_symmetry.space_group_name_H-M   'P 1 21 1'
#
loop_
_entity.id
_entity.type
_entity.pdbx_description
1 polymer 'Anopheles gambiae adenosine kinase'
2 non-polymer "BIS(ADENOSINE)-5'-TETRAPHOSPHATE"
3 non-polymer 'MAGNESIUM ION'
4 non-polymer 'CHLORIDE ION'
5 water water
#
_entity_poly.entity_id   1
_entity_poly.type   'polypeptide(L)'
_entity_poly.pdbx_seq_one_letter_code
;MHHHHHHFSGLVPRGSHMESLRDGMLVGLGNPLLDISAVVEKDLLNKYDMQPNNAILAEEKHMPMYQELIEKYQAEYIAG
GSVQNSLRVAQWILQRPRTAIFFGCVGQDEYARILEERATSNGVNVQYQRSATSPTGTCAVLVTGTQRSLCANLAAANDF
TPEHLRSDGNRAYLQGAQFFYVSGFFFTVSFESALSVAKEAAATGRMFMMNLSAPFVPQFYKNNLEEIFPYVDVLFGNET
EAIALAKEFNYGTEDLREIGKRIAALPKENGKRKRIVIITQGSDPVLLIEAGTDNVREFPVQKLAPEQMVDTNGAGDAFV
GGFLAQLLQSRTVDVCIKCGIWAAREIIQRSGCTFEGEPSFCADN
;
_entity_poly.pdbx_strand_id   A,B,C
#
loop_
_chem_comp.id
_chem_comp.type
_chem_comp.name
_chem_comp.formula
B4P non-polymer BIS(ADENOSINE)-5'-TETRAPHOSPHATE 'C20 H28 N10 O19 P4'
CL non-polymer 'CHLORIDE ION' 'Cl -1'
MG non-polymer 'MAGNESIUM ION' 'Mg 2'
#
# COMPACT_ATOMS: atom_id res chain seq x y z
N LEU A 21 47.05 2.79 21.29
CA LEU A 21 45.77 2.86 20.52
C LEU A 21 45.59 1.63 19.65
N ARG A 22 44.39 1.09 19.62
CA ARG A 22 44.04 0.04 18.68
C ARG A 22 42.55 0.20 18.25
N ASP A 23 42.10 -0.61 17.31
CA ASP A 23 40.76 -0.47 16.74
C ASP A 23 39.68 -0.71 17.82
N GLY A 24 38.60 0.02 17.72
CA GLY A 24 37.43 -0.28 18.55
C GLY A 24 37.60 0.00 20.04
N MET A 25 38.40 0.99 20.41
CA MET A 25 38.46 1.34 21.84
C MET A 25 37.16 2.01 22.37
N LEU A 26 36.47 2.75 21.49
CA LEU A 26 35.32 3.57 21.88
C LEU A 26 34.12 3.07 21.08
N VAL A 27 33.02 2.73 21.76
CA VAL A 27 31.76 2.56 21.04
C VAL A 27 30.74 3.62 21.42
N GLY A 28 30.10 4.18 20.39
CA GLY A 28 29.05 5.17 20.52
C GLY A 28 27.76 4.62 19.99
N LEU A 29 26.66 4.88 20.68
CA LEU A 29 25.33 4.49 20.22
C LEU A 29 24.53 5.79 20.09
N GLY A 30 23.88 5.99 18.94
CA GLY A 30 23.08 7.18 18.76
C GLY A 30 22.20 7.12 17.52
N ASN A 31 21.77 8.30 17.09
CA ASN A 31 20.86 8.43 15.99
C ASN A 31 21.60 9.07 14.84
N PRO A 32 21.85 8.31 13.76
CA PRO A 32 22.54 8.98 12.65
C PRO A 32 21.51 9.71 11.80
N LEU A 33 21.73 11.02 11.63
CA LEU A 33 20.77 11.88 11.02
C LEU A 33 21.51 12.77 10.02
N LEU A 34 20.84 13.09 8.91
CA LEU A 34 21.34 14.07 7.97
C LEU A 34 20.73 15.41 8.36
N ASP A 35 21.58 16.41 8.61
CA ASP A 35 21.08 17.73 8.93
C ASP A 35 20.69 18.44 7.65
N ILE A 36 19.54 19.13 7.71
CA ILE A 36 19.07 19.99 6.64
C ILE A 36 19.03 21.41 7.20
N SER A 37 19.97 22.21 6.76
CA SER A 37 20.29 23.45 7.43
C SER A 37 19.97 24.64 6.57
N ALA A 38 19.28 25.64 7.11
CA ALA A 38 18.98 26.86 6.33
C ALA A 38 18.77 28.10 7.18
N VAL A 39 18.96 29.24 6.53
CA VAL A 39 18.59 30.52 7.12
C VAL A 39 17.11 30.74 6.84
N VAL A 40 16.37 31.04 7.89
CA VAL A 40 14.94 31.30 7.71
C VAL A 40 14.53 32.43 8.61
N GLU A 41 13.29 32.90 8.45
CA GLU A 41 12.72 33.94 9.33
C GLU A 41 11.57 33.38 10.18
N LYS A 42 11.12 34.18 11.15
CA LYS A 42 10.14 33.75 12.16
C LYS A 42 8.84 33.18 11.62
N ASP A 43 8.41 33.66 10.45
CA ASP A 43 7.17 33.14 9.86
C ASP A 43 7.30 31.66 9.56
N LEU A 44 8.49 31.22 9.19
CA LEU A 44 8.69 29.77 9.02
C LEU A 44 8.52 29.02 10.35
N LEU A 45 9.17 29.51 11.40
CA LEU A 45 8.98 28.93 12.74
C LEU A 45 7.52 28.90 13.21
N ASN A 46 6.83 30.03 13.02
CA ASN A 46 5.42 30.13 13.39
C ASN A 46 4.59 29.17 12.62
N LYS A 47 4.85 29.05 11.32
CA LYS A 47 4.15 28.06 10.51
C LYS A 47 4.22 26.64 11.11
N TYR A 48 5.33 26.30 11.75
CA TYR A 48 5.48 24.93 12.26
C TYR A 48 5.44 24.79 13.81
N ASP A 49 4.93 25.86 14.46
CA ASP A 49 4.76 25.90 15.91
C ASP A 49 6.08 25.60 16.59
N MET A 50 7.14 26.22 16.09
CA MET A 50 8.45 26.02 16.65
C MET A 50 8.87 27.28 17.38
N GLN A 51 9.64 27.09 18.45
CA GLN A 51 10.19 28.20 19.20
C GLN A 51 11.58 28.49 18.71
N PRO A 52 12.03 29.76 18.77
CA PRO A 52 13.47 29.94 18.51
C PRO A 52 14.25 29.26 19.64
N ASN A 53 15.53 28.98 19.44
CA ASN A 53 16.39 28.54 20.53
C ASN A 53 15.89 27.25 21.23
N ASN A 54 15.53 26.22 20.46
CA ASN A 54 14.89 25.03 21.00
C ASN A 54 15.22 23.78 20.17
N ALA A 55 15.02 22.58 20.74
CA ALA A 55 15.18 21.32 20.00
C ALA A 55 14.00 20.44 20.30
N ILE A 56 13.40 19.88 19.25
CA ILE A 56 12.23 19.05 19.39
C ILE A 56 12.34 17.84 18.50
N LEU A 57 11.48 16.87 18.79
CA LEU A 57 11.21 15.73 17.91
C LEU A 57 10.08 16.09 16.93
N ALA A 58 10.20 15.68 15.66
CA ALA A 58 9.18 15.94 14.64
C ALA A 58 7.88 15.22 14.92
N GLU A 59 6.78 15.92 14.69
CA GLU A 59 5.46 15.29 14.63
C GLU A 59 4.92 15.35 13.21
N GLU A 60 3.73 14.80 13.01
CA GLU A 60 3.16 14.72 11.68
C GLU A 60 3.18 16.08 11.00
N LYS A 61 2.82 17.12 11.75
CA LYS A 61 2.66 18.47 11.23
C LYS A 61 4.01 19.07 10.81
N HIS A 62 5.11 18.48 11.27
CA HIS A 62 6.42 19.03 10.96
C HIS A 62 6.93 18.51 9.63
N MET A 63 6.37 17.38 9.19
CA MET A 63 6.92 16.65 8.06
C MET A 63 7.08 17.45 6.76
N PRO A 64 6.09 18.31 6.42
CA PRO A 64 6.21 19.10 5.19
C PRO A 64 7.34 20.11 5.24
N MET A 65 7.89 20.35 6.43
CA MET A 65 8.95 21.35 6.56
C MET A 65 10.25 20.98 5.84
N TYR A 66 10.59 19.68 5.84
CA TYR A 66 11.86 19.20 5.23
C TYR A 66 11.95 19.53 3.71
N GLN A 67 10.93 19.14 2.94
CA GLN A 67 10.92 19.47 1.51
C GLN A 67 10.89 20.98 1.26
N GLU A 68 10.15 21.70 2.12
CA GLU A 68 10.09 23.14 2.02
C GLU A 68 11.45 23.80 2.23
N LEU A 69 12.20 23.29 3.21
CA LEU A 69 13.58 23.76 3.44
C LEU A 69 14.46 23.48 2.20
N ILE A 70 14.34 22.28 1.65
CA ILE A 70 15.14 21.90 0.50
C ILE A 70 14.75 22.78 -0.70
N GLU A 71 13.46 22.80 -1.04
CA GLU A 71 12.95 23.45 -2.26
C GLU A 71 12.92 24.97 -2.24
N LYS A 72 12.61 25.56 -1.11
CA LYS A 72 12.35 26.98 -1.07
C LYS A 72 13.37 27.76 -0.22
N TYR A 73 14.12 27.07 0.63
CA TYR A 73 15.13 27.80 1.42
C TYR A 73 16.55 27.42 1.09
N GLN A 74 16.75 26.63 0.04
CA GLN A 74 18.09 26.32 -0.46
C GLN A 74 18.88 25.65 0.66
N ALA A 75 18.29 24.66 1.32
CA ALA A 75 18.92 24.09 2.52
C ALA A 75 20.14 23.24 2.15
N GLU A 76 21.08 23.18 3.09
CA GLU A 76 22.31 22.46 2.90
C GLU A 76 22.21 21.10 3.60
N TYR A 77 22.85 20.10 3.04
CA TYR A 77 22.89 18.78 3.67
C TYR A 77 24.18 18.63 4.45
N ILE A 78 24.09 18.29 5.73
CA ILE A 78 25.29 18.12 6.54
C ILE A 78 25.15 16.88 7.36
N ALA A 79 26.17 16.04 7.34
CA ALA A 79 26.13 14.81 8.16
C ALA A 79 25.98 15.21 9.62
N GLY A 80 25.02 14.64 10.34
CA GLY A 80 24.79 15.01 11.75
C GLY A 80 24.42 13.85 12.64
N GLY A 81 23.56 14.13 13.63
CA GLY A 81 23.40 13.21 14.75
C GLY A 81 24.51 13.49 15.77
N SER A 82 24.09 13.71 17.01
CA SER A 82 24.99 14.13 18.09
C SER A 82 26.22 13.20 18.27
N VAL A 83 25.98 11.92 18.56
CA VAL A 83 27.05 10.98 18.87
C VAL A 83 27.90 10.75 17.61
N GLN A 84 27.26 10.62 16.44
CA GLN A 84 27.99 10.55 15.19
C GLN A 84 28.97 11.72 14.99
N ASN A 85 28.49 12.95 15.19
CA ASN A 85 29.33 14.15 15.11
C ASN A 85 30.54 14.05 16.05
N SER A 86 30.28 13.66 17.30
CA SER A 86 31.34 13.57 18.31
C SER A 86 32.42 12.54 17.91
N LEU A 87 31.98 11.36 17.45
CA LEU A 87 32.92 10.34 17.00
C LEU A 87 33.72 10.76 15.74
N ARG A 88 33.10 11.54 14.84
CA ARG A 88 33.80 12.06 13.67
C ARG A 88 34.88 13.08 14.09
N VAL A 89 34.55 13.99 15.01
CA VAL A 89 35.54 14.92 15.57
C VAL A 89 36.66 14.18 16.30
N ALA A 90 36.33 13.24 17.19
CA ALA A 90 37.33 12.41 17.83
C ALA A 90 38.28 11.65 16.85
N GLN A 91 37.73 11.07 15.79
CA GLN A 91 38.54 10.41 14.76
C GLN A 91 39.45 11.39 13.99
N TRP A 92 38.91 12.58 13.72
CA TRP A 92 39.67 13.56 12.98
C TRP A 92 40.91 13.93 13.78
N ILE A 93 40.71 14.16 15.07
CA ILE A 93 41.83 14.43 16.00
C ILE A 93 42.78 13.22 16.13
N LEU A 94 42.23 12.03 16.29
CA LEU A 94 43.07 10.86 16.46
C LEU A 94 43.94 10.56 15.23
N GLN A 95 43.41 10.77 14.03
CA GLN A 95 44.14 10.37 12.80
C GLN A 95 44.52 8.88 12.83
N ARG A 96 43.62 8.06 13.32
CA ARG A 96 43.86 6.63 13.32
C ARG A 96 42.49 6.01 13.13
N PRO A 97 42.17 5.61 11.89
CA PRO A 97 40.88 5.07 11.55
C PRO A 97 40.50 3.85 12.38
N ARG A 98 39.20 3.70 12.62
CA ARG A 98 38.61 2.52 13.29
C ARG A 98 38.80 2.49 14.78
N THR A 99 39.39 3.54 15.33
CA THR A 99 39.55 3.67 16.78
C THR A 99 38.16 3.79 17.46
N ALA A 100 37.20 4.44 16.78
CA ALA A 100 35.82 4.54 17.27
C ALA A 100 34.84 3.78 16.39
N ILE A 101 33.89 3.09 17.03
CA ILE A 101 32.83 2.36 16.36
C ILE A 101 31.46 3.07 16.64
N PHE A 102 30.67 3.29 15.59
CA PHE A 102 29.34 3.89 15.75
C PHE A 102 28.22 2.88 15.48
N PHE A 103 27.27 2.76 16.41
CA PHE A 103 26.04 1.97 16.20
C PHE A 103 24.82 2.90 16.17
N GLY A 104 24.00 2.73 15.14
CA GLY A 104 22.69 3.39 15.04
C GLY A 104 22.03 2.86 13.77
N CYS A 105 20.79 3.27 13.53
CA CYS A 105 20.00 2.77 12.39
C CYS A 105 19.68 3.81 11.33
N VAL A 106 19.92 3.42 10.06
CA VAL A 106 19.72 4.30 8.91
C VAL A 106 18.77 3.58 7.96
N GLY A 107 18.35 4.28 6.91
CA GLY A 107 17.52 3.68 5.88
C GLY A 107 18.42 3.08 4.82
N GLN A 108 17.81 2.56 3.75
CA GLN A 108 18.59 2.10 2.60
C GLN A 108 18.36 3.06 1.46
N ASP A 109 19.06 4.18 1.49
CA ASP A 109 18.65 5.30 0.66
C ASP A 109 19.83 6.19 0.39
N GLU A 110 19.63 7.26 -0.36
CA GLU A 110 20.73 8.18 -0.65
C GLU A 110 21.24 8.86 0.62
N TYR A 111 20.34 9.19 1.54
CA TYR A 111 20.72 9.92 2.75
C TYR A 111 21.66 9.08 3.56
N ALA A 112 21.41 7.77 3.67
CA ALA A 112 22.31 6.89 4.41
C ALA A 112 23.72 6.85 3.79
N ARG A 113 23.85 6.93 2.45
CA ARG A 113 25.21 6.91 1.84
C ARG A 113 25.97 8.19 2.08
N ILE A 114 25.28 9.34 2.12
CA ILE A 114 25.95 10.58 2.52
C ILE A 114 26.54 10.44 3.94
N LEU A 115 25.75 9.88 4.87
CA LEU A 115 26.21 9.70 6.28
C LEU A 115 27.37 8.69 6.34
N GLU A 116 27.17 7.52 5.76
CA GLU A 116 28.19 6.50 5.67
C GLU A 116 29.54 6.99 5.15
N GLU A 117 29.48 7.64 3.99
CA GLU A 117 30.69 8.10 3.35
C GLU A 117 31.40 9.15 4.17
N ARG A 118 30.67 10.17 4.68
CA ARG A 118 31.33 11.18 5.52
C ARG A 118 31.93 10.60 6.82
N ALA A 119 31.17 9.77 7.52
CA ALA A 119 31.68 9.24 8.78
C ALA A 119 32.87 8.26 8.53
N THR A 120 32.75 7.39 7.53
CA THR A 120 33.88 6.51 7.15
C THR A 120 35.12 7.31 6.68
N SER A 121 34.95 8.36 5.89
CA SER A 121 36.09 9.22 5.52
C SER A 121 36.83 9.82 6.68
N ASN A 122 36.10 10.21 7.72
CA ASN A 122 36.69 10.75 8.94
C ASN A 122 37.39 9.72 9.81
N GLY A 123 37.14 8.43 9.56
CA GLY A 123 37.83 7.35 10.27
C GLY A 123 36.92 6.50 11.19
N VAL A 124 35.64 6.85 11.29
CA VAL A 124 34.73 6.02 12.05
C VAL A 124 34.49 4.67 11.39
N ASN A 125 34.48 3.64 12.23
CA ASN A 125 33.98 2.35 11.83
C ASN A 125 32.45 2.40 12.06
N VAL A 126 31.69 2.63 11.00
CA VAL A 126 30.24 2.72 11.14
C VAL A 126 29.62 1.33 11.03
N GLN A 127 28.81 1.00 12.02
CA GLN A 127 28.16 -0.31 12.04
C GLN A 127 26.66 -0.09 12.10
N TYR A 128 26.14 0.47 11.00
CA TYR A 128 24.73 0.84 10.90
C TYR A 128 23.84 -0.41 10.79
N GLN A 129 22.78 -0.46 11.59
CA GLN A 129 21.64 -1.29 11.29
C GLN A 129 20.87 -0.64 10.11
N ARG A 130 20.19 -1.45 9.31
CA ARG A 130 19.52 -0.98 8.10
C ARG A 130 18.05 -1.22 8.25
N SER A 131 17.26 -0.18 8.03
CA SER A 131 15.81 -0.33 7.94
C SER A 131 15.39 -0.32 6.46
N ALA A 132 14.67 -1.35 6.02
CA ALA A 132 14.13 -1.27 4.64
C ALA A 132 12.78 -0.54 4.59
N THR A 133 12.17 -0.33 5.76
CA THR A 133 10.85 0.33 5.84
C THR A 133 10.88 1.82 6.06
N SER A 134 11.90 2.36 6.74
CA SER A 134 11.96 3.82 6.92
C SER A 134 13.14 4.46 6.19
N PRO A 135 12.96 5.72 5.77
CA PRO A 135 14.09 6.44 5.23
C PRO A 135 15.03 6.90 6.37
N THR A 136 16.28 7.22 6.04
CA THR A 136 17.22 7.82 6.99
C THR A 136 16.63 9.06 7.66
N GLY A 137 16.87 9.23 8.96
CA GLY A 137 16.37 10.34 9.73
C GLY A 137 17.10 11.61 9.36
N THR A 138 16.47 12.74 9.65
CA THR A 138 17.02 14.03 9.30
C THR A 138 16.76 14.94 10.49
N CYS A 139 17.46 16.06 10.52
CA CYS A 139 17.20 17.06 11.53
C CYS A 139 17.19 18.41 10.86
N ALA A 140 16.06 19.11 10.94
CA ALA A 140 15.97 20.49 10.49
C ALA A 140 16.80 21.34 11.43
N VAL A 141 17.67 22.16 10.86
CA VAL A 141 18.46 23.11 11.64
C VAL A 141 18.15 24.49 11.09
N LEU A 142 17.30 25.24 11.78
CA LEU A 142 16.80 26.52 11.28
C LEU A 142 17.54 27.64 11.96
N VAL A 143 18.18 28.48 11.16
CA VAL A 143 18.94 29.62 11.67
C VAL A 143 18.12 30.91 11.51
N THR A 144 17.85 31.58 12.62
CA THR A 144 17.13 32.86 12.64
C THR A 144 17.92 33.81 13.53
N GLY A 145 18.49 34.83 12.90
CA GLY A 145 19.42 35.75 13.57
C GLY A 145 20.58 34.95 14.11
N THR A 146 20.83 35.06 15.41
CA THR A 146 21.89 34.28 16.09
C THR A 146 21.31 33.08 16.89
N GLN A 147 20.01 32.84 16.73
CA GLN A 147 19.34 31.70 17.34
C GLN A 147 19.23 30.51 16.38
N ARG A 148 19.11 29.32 16.95
CA ARG A 148 18.95 28.08 16.20
C ARG A 148 17.78 27.31 16.75
N SER A 149 17.02 26.72 15.85
CA SER A 149 15.90 25.85 16.22
C SER A 149 15.99 24.53 15.43
N LEU A 150 15.84 23.44 16.16
CA LEU A 150 16.14 22.10 15.62
C LEU A 150 14.90 21.27 15.67
N CYS A 151 14.65 20.48 14.63
CA CYS A 151 13.51 19.56 14.65
C CYS A 151 13.94 18.26 14.01
N ALA A 152 14.01 17.23 14.85
CA ALA A 152 14.59 15.92 14.48
C ALA A 152 13.50 14.94 14.10
N ASN A 153 13.58 14.50 12.85
CA ASN A 153 12.71 13.50 12.28
C ASN A 153 13.52 12.23 12.28
N LEU A 154 13.33 11.43 13.33
CA LEU A 154 14.21 10.28 13.60
C LEU A 154 14.07 9.17 12.57
N ALA A 155 12.83 8.87 12.20
CA ALA A 155 12.52 7.93 11.11
C ALA A 155 13.32 6.62 11.27
N ALA A 156 14.25 6.27 10.37
CA ALA A 156 14.97 4.98 10.49
C ALA A 156 15.81 4.85 11.75
N ALA A 157 16.28 5.99 12.28
CA ALA A 157 17.02 5.92 13.56
C ALA A 157 16.18 5.30 14.67
N ASN A 158 14.84 5.46 14.57
CA ASN A 158 13.91 4.83 15.50
C ASN A 158 13.74 3.33 15.28
N ASP A 159 14.23 2.78 14.17
CA ASP A 159 14.13 1.35 13.95
C ASP A 159 15.26 0.55 14.57
N PHE A 160 16.09 1.16 15.41
CA PHE A 160 17.19 0.46 16.03
C PHE A 160 16.64 -0.60 16.98
N THR A 161 17.24 -1.79 16.97
CA THR A 161 16.83 -2.86 17.90
C THR A 161 18.00 -3.44 18.67
N PRO A 162 17.77 -3.82 19.93
CA PRO A 162 18.82 -4.46 20.75
C PRO A 162 19.47 -5.64 20.03
N GLU A 163 18.74 -6.28 19.13
CA GLU A 163 19.22 -7.43 18.42
C GLU A 163 20.44 -7.07 17.55
N HIS A 164 20.48 -5.85 17.02
CA HIS A 164 21.64 -5.42 16.19
C HIS A 164 22.95 -5.61 16.94
N LEU A 165 22.91 -5.39 18.25
CA LEU A 165 24.09 -5.53 19.08
C LEU A 165 24.40 -6.99 19.43
N ARG A 166 23.48 -7.90 19.12
CA ARG A 166 23.65 -9.32 19.49
C ARG A 166 24.22 -10.23 18.39
N SER A 167 24.52 -9.70 17.21
CA SER A 167 25.26 -10.49 16.24
C SER A 167 26.67 -10.80 16.81
N ASP A 168 27.30 -11.87 16.34
CA ASP A 168 28.64 -12.27 16.81
C ASP A 168 29.65 -11.14 16.66
N GLY A 169 29.65 -10.49 15.49
CA GLY A 169 30.61 -9.44 15.22
C GLY A 169 30.38 -8.27 16.14
N ASN A 170 29.12 -7.89 16.28
CA ASN A 170 28.79 -6.74 17.12
C ASN A 170 29.02 -6.99 18.60
N ARG A 171 28.77 -8.21 19.07
CA ARG A 171 29.16 -8.51 20.45
C ARG A 171 30.66 -8.53 20.70
N ALA A 172 31.46 -8.94 19.71
CA ALA A 172 32.92 -8.82 19.84
C ALA A 172 33.34 -7.33 19.95
N TYR A 173 32.67 -6.47 19.20
CA TYR A 173 32.92 -5.01 19.30
C TYR A 173 32.57 -4.45 20.71
N LEU A 174 31.47 -4.89 21.30
CA LEU A 174 31.11 -4.46 22.67
C LEU A 174 32.14 -5.01 23.67
N GLN A 175 32.50 -6.28 23.50
CA GLN A 175 33.45 -6.93 24.42
C GLN A 175 34.81 -6.28 24.39
N GLY A 176 35.23 -5.82 23.20
CA GLY A 176 36.56 -5.20 23.04
C GLY A 176 36.66 -3.72 23.34
N ALA A 177 35.52 -3.05 23.56
CA ALA A 177 35.61 -1.61 23.73
C ALA A 177 36.08 -1.33 25.12
N GLN A 178 36.75 -0.20 25.31
CA GLN A 178 37.15 0.23 26.65
C GLN A 178 36.32 1.39 27.17
N PHE A 179 35.58 2.04 26.27
CA PHE A 179 34.84 3.31 26.54
C PHE A 179 33.52 3.29 25.78
N PHE A 180 32.47 3.83 26.40
CA PHE A 180 31.13 3.83 25.80
C PHE A 180 30.54 5.22 25.94
N TYR A 181 29.90 5.68 24.86
CA TYR A 181 29.29 7.00 24.83
C TYR A 181 27.92 6.91 24.20
N VAL A 182 26.91 7.46 24.89
CA VAL A 182 25.53 7.43 24.41
C VAL A 182 24.91 8.81 24.60
N SER A 183 24.08 9.26 23.68
CA SER A 183 23.41 10.57 23.87
C SER A 183 22.08 10.35 24.59
N GLY A 184 21.59 11.35 25.31
CA GLY A 184 20.19 11.30 25.79
C GLY A 184 19.19 11.17 24.63
N PHE A 185 19.51 11.76 23.47
CA PHE A 185 18.74 11.56 22.23
C PHE A 185 18.40 10.08 21.91
N PHE A 186 19.37 9.19 22.17
CA PHE A 186 19.20 7.76 21.88
C PHE A 186 18.16 7.11 22.78
N PHE A 187 17.83 7.73 23.91
CA PHE A 187 16.74 7.21 24.80
C PHE A 187 15.37 7.16 24.10
N THR A 188 15.15 8.07 23.15
CA THR A 188 13.92 8.06 22.34
C THR A 188 13.82 6.73 21.63
N VAL A 189 14.97 6.20 21.22
CA VAL A 189 14.99 5.06 20.32
C VAL A 189 15.18 3.73 21.04
N SER A 190 16.12 3.66 21.99
CA SER A 190 16.39 2.39 22.67
C SER A 190 17.08 2.62 23.97
N PHE A 191 16.32 3.10 24.96
CA PHE A 191 16.87 3.24 26.30
C PHE A 191 17.39 1.89 26.81
N GLU A 192 16.69 0.82 26.44
CA GLU A 192 16.96 -0.53 26.90
C GLU A 192 18.41 -0.94 26.46
N SER A 193 18.81 -0.55 25.25
CA SER A 193 20.18 -0.80 24.76
C SER A 193 21.19 0.03 25.54
N ALA A 194 20.88 1.30 25.77
CA ALA A 194 21.80 2.21 26.47
C ALA A 194 22.03 1.68 27.89
N LEU A 195 20.94 1.28 28.56
CA LEU A 195 21.06 0.79 29.94
C LEU A 195 21.86 -0.54 30.01
N SER A 196 21.55 -1.43 29.07
CA SER A 196 22.19 -2.74 29.02
C SER A 196 23.72 -2.53 28.87
N VAL A 197 24.11 -1.60 28.01
CA VAL A 197 25.54 -1.33 27.76
C VAL A 197 26.14 -0.69 29.01
N ALA A 198 25.40 0.20 29.67
CA ALA A 198 25.89 0.87 30.88
C ALA A 198 26.13 -0.08 32.06
N LYS A 199 25.23 -1.04 32.23
CA LYS A 199 25.39 -2.06 33.28
C LYS A 199 26.60 -2.98 33.04
N GLU A 200 26.79 -3.39 31.79
CA GLU A 200 27.94 -4.23 31.44
C GLU A 200 29.23 -3.44 31.62
N ALA A 201 29.21 -2.15 31.27
CA ALA A 201 30.37 -1.32 31.49
C ALA A 201 30.75 -1.22 32.99
N ALA A 202 29.78 -0.87 33.83
CA ALA A 202 30.04 -0.72 35.29
C ALA A 202 30.58 -2.02 35.88
N ALA A 203 29.97 -3.14 35.47
CA ALA A 203 30.26 -4.48 35.96
C ALA A 203 31.66 -4.95 35.54
N THR A 204 32.25 -4.32 34.51
CA THR A 204 33.55 -4.72 34.03
C THR A 204 34.53 -3.57 34.22
N GLY A 205 34.13 -2.59 35.02
CA GLY A 205 34.93 -1.42 35.30
C GLY A 205 35.25 -0.49 34.12
N ARG A 206 34.50 -0.57 33.02
CA ARG A 206 34.76 0.35 31.89
C ARG A 206 33.96 1.68 31.99
N MET A 207 34.43 2.71 31.29
CA MET A 207 33.75 4.00 31.34
C MET A 207 32.49 4.06 30.48
N PHE A 208 31.41 4.52 31.10
CA PHE A 208 30.13 4.78 30.38
C PHE A 208 29.86 6.29 30.56
N MET A 209 29.62 6.93 29.42
CA MET A 209 29.51 8.36 29.37
C MET A 209 28.24 8.69 28.58
N MET A 210 27.62 9.82 28.89
CA MET A 210 26.41 10.21 28.17
C MET A 210 26.25 11.71 28.16
N ASN A 211 25.31 12.17 27.34
CA ASN A 211 25.09 13.57 27.18
C ASN A 211 23.62 13.83 27.56
N LEU A 212 23.34 14.99 28.15
CA LEU A 212 21.93 15.31 28.39
C LEU A 212 21.17 15.58 27.10
N SER A 213 21.90 16.03 26.07
CA SER A 213 21.40 16.25 24.70
C SER A 213 20.46 17.43 24.46
N ALA A 214 19.39 17.53 25.25
CA ALA A 214 18.40 18.60 25.05
C ALA A 214 17.49 18.65 26.26
N PRO A 215 16.87 19.82 26.51
CA PRO A 215 15.92 19.91 27.63
C PRO A 215 14.85 18.85 27.63
N PHE A 216 14.41 18.40 26.46
CA PHE A 216 13.33 17.41 26.46
C PHE A 216 13.74 16.08 27.00
N VAL A 217 15.05 15.80 27.05
CA VAL A 217 15.44 14.50 27.55
C VAL A 217 15.07 14.27 29.04
N PRO A 218 15.51 15.15 29.97
CA PRO A 218 15.04 14.95 31.36
C PRO A 218 13.53 15.22 31.56
N GLN A 219 12.95 16.10 30.73
CA GLN A 219 11.53 16.35 30.76
C GLN A 219 10.72 15.15 30.31
N PHE A 220 11.20 14.38 29.34
CA PHE A 220 10.42 13.25 28.77
C PHE A 220 10.75 11.90 29.43
N TYR A 221 11.97 11.74 29.92
CA TYR A 221 12.44 10.41 30.33
C TYR A 221 13.14 10.49 31.69
N LYS A 222 12.45 11.12 32.65
CA LYS A 222 13.07 11.41 33.93
C LYS A 222 13.48 10.12 34.64
N ASN A 223 12.58 9.15 34.69
CA ASN A 223 12.89 7.91 35.37
C ASN A 223 14.01 7.06 34.70
N ASN A 224 14.05 7.07 33.36
CA ASN A 224 15.13 6.41 32.62
C ASN A 224 16.47 6.98 33.03
N LEU A 225 16.52 8.30 33.10
CA LEU A 225 17.68 9.04 33.51
C LEU A 225 18.13 8.63 34.91
N GLU A 226 17.17 8.58 35.83
CA GLU A 226 17.41 8.10 37.18
C GLU A 226 17.94 6.67 37.18
N GLU A 227 17.33 5.78 36.40
CA GLU A 227 17.73 4.40 36.38
C GLU A 227 19.18 4.19 35.80
N ILE A 228 19.59 5.01 34.84
CA ILE A 228 20.91 4.84 34.20
C ILE A 228 22.03 5.59 34.96
N PHE A 229 21.67 6.64 35.69
CA PHE A 229 22.66 7.45 36.36
C PHE A 229 23.72 6.73 37.23
N PRO A 230 23.35 5.64 37.98
CA PRO A 230 24.38 4.95 38.79
C PRO A 230 25.56 4.45 37.95
N TYR A 231 25.31 4.21 36.66
CA TYR A 231 26.29 3.63 35.78
C TYR A 231 26.95 4.69 34.92
N VAL A 232 26.64 5.93 35.17
CA VAL A 232 27.27 7.03 34.38
C VAL A 232 28.53 7.52 35.03
N ASP A 233 29.68 7.37 34.34
CA ASP A 233 30.97 7.87 34.83
C ASP A 233 31.20 9.33 34.50
N VAL A 234 30.74 9.74 33.32
CA VAL A 234 30.88 11.14 32.84
C VAL A 234 29.53 11.56 32.23
N LEU A 235 29.01 12.70 32.69
CA LEU A 235 27.81 13.32 32.12
C LEU A 235 28.20 14.69 31.53
N PHE A 236 27.93 14.89 30.24
CA PHE A 236 28.09 16.17 29.57
C PHE A 236 26.70 16.79 29.38
N GLY A 237 26.65 18.12 29.34
CA GLY A 237 25.41 18.82 28.96
C GLY A 237 25.65 20.31 28.93
N ASN A 238 24.72 21.05 28.36
CA ASN A 238 24.88 22.51 28.41
C ASN A 238 24.08 23.10 29.59
N GLU A 239 24.14 24.40 29.74
CA GLU A 239 23.57 25.01 30.94
C GLU A 239 22.04 24.84 30.98
N THR A 240 21.42 24.86 29.81
CA THR A 240 19.98 24.84 29.68
C THR A 240 19.48 23.43 30.00
N GLU A 241 20.29 22.41 29.69
CA GLU A 241 19.96 21.02 29.96
C GLU A 241 20.14 20.71 31.42
N ALA A 242 21.19 21.27 32.01
CA ALA A 242 21.42 21.13 33.44
C ALA A 242 20.26 21.74 34.30
N ILE A 243 19.84 22.95 33.94
CA ILE A 243 18.64 23.60 34.56
C ILE A 243 17.37 22.79 34.34
N ALA A 244 17.16 22.31 33.10
CA ALA A 244 16.03 21.46 32.83
C ALA A 244 16.04 20.21 33.72
N LEU A 245 17.21 19.60 33.90
CA LEU A 245 17.31 18.42 34.76
C LEU A 245 16.96 18.75 36.24
N ALA A 246 17.53 19.85 36.72
CA ALA A 246 17.29 20.37 38.06
C ALA A 246 15.79 20.59 38.37
N LYS A 247 15.04 21.12 37.40
CA LYS A 247 13.57 21.24 37.54
C LYS A 247 12.91 19.87 37.70
N GLU A 248 13.23 18.90 36.83
CA GLU A 248 12.57 17.59 36.91
C GLU A 248 12.91 16.82 38.17
N PHE A 249 14.11 17.06 38.69
CA PHE A 249 14.60 16.39 39.88
C PHE A 249 14.34 17.22 41.14
N ASN A 250 13.73 18.39 40.97
CA ASN A 250 13.25 19.22 42.07
C ASN A 250 14.38 19.76 42.94
N TYR A 251 15.44 20.25 42.31
CA TYR A 251 16.56 20.77 43.05
C TYR A 251 16.29 22.12 43.66
N GLY A 252 15.35 22.86 43.08
CA GLY A 252 14.99 24.19 43.54
C GLY A 252 16.08 25.22 43.33
N THR A 253 16.94 25.00 42.32
CA THR A 253 18.01 25.96 42.05
C THR A 253 18.31 26.04 40.57
N GLU A 254 18.80 27.19 40.14
CA GLU A 254 19.29 27.33 38.78
C GLU A 254 20.78 27.57 38.71
N ASP A 255 21.43 27.49 39.88
CA ASP A 255 22.87 27.61 40.06
C ASP A 255 23.56 26.36 39.49
N LEU A 256 24.31 26.56 38.42
CA LEU A 256 24.89 25.43 37.69
C LEU A 256 25.91 24.66 38.52
N ARG A 257 26.69 25.37 39.34
CA ARG A 257 27.69 24.70 40.17
C ARG A 257 27.01 23.75 41.16
N GLU A 258 25.95 24.23 41.80
CA GLU A 258 25.20 23.45 42.75
C GLU A 258 24.53 22.26 42.07
N ILE A 259 23.97 22.50 40.89
CA ILE A 259 23.30 21.41 40.16
C ILE A 259 24.35 20.34 39.83
N GLY A 260 25.50 20.75 39.28
CA GLY A 260 26.60 19.80 39.00
C GLY A 260 27.03 18.94 40.18
N LYS A 261 27.16 19.58 41.34
CA LYS A 261 27.53 18.88 42.58
C LYS A 261 26.50 17.84 42.98
N ARG A 262 25.22 18.20 42.92
CA ARG A 262 24.16 17.27 43.27
C ARG A 262 24.14 16.07 42.34
N ILE A 263 24.24 16.31 41.02
CA ILE A 263 24.29 15.18 40.07
C ILE A 263 25.54 14.29 40.34
N ALA A 264 26.69 14.94 40.51
CA ALA A 264 27.96 14.24 40.71
C ALA A 264 27.87 13.31 41.94
N ALA A 265 27.09 13.75 42.96
CA ALA A 265 27.04 13.04 44.25
C ALA A 265 26.04 11.90 44.27
N LEU A 266 25.29 11.69 43.19
CA LEU A 266 24.33 10.61 43.16
C LEU A 266 24.98 9.25 43.34
N PRO A 267 24.24 8.27 43.92
CA PRO A 267 24.76 6.91 44.09
C PRO A 267 25.35 6.39 42.79
N LYS A 268 26.45 5.65 42.89
CA LYS A 268 27.22 5.24 41.74
C LYS A 268 27.54 3.77 41.93
N GLU A 269 27.24 2.97 40.92
CA GLU A 269 27.52 1.54 40.92
C GLU A 269 29.03 1.18 41.03
N ASN A 270 29.83 1.69 40.09
CA ASN A 270 31.28 1.47 40.16
C ASN A 270 31.86 2.57 40.98
N GLY A 271 31.85 2.34 42.28
CA GLY A 271 32.41 3.27 43.28
C GLY A 271 33.86 3.63 43.09
N LYS A 272 34.65 2.77 42.44
CA LYS A 272 36.10 3.02 42.20
C LYS A 272 36.44 4.16 41.23
N ARG A 273 35.47 4.61 40.46
CA ARG A 273 35.70 5.80 39.67
C ARG A 273 34.63 6.82 40.07
N LYS A 274 35.10 7.97 40.54
CA LYS A 274 34.24 9.08 40.93
C LYS A 274 33.62 9.75 39.69
N ARG A 275 32.31 10.01 39.75
CA ARG A 275 31.60 10.64 38.63
C ARG A 275 32.12 12.03 38.37
N ILE A 276 32.19 12.34 37.08
CA ILE A 276 32.51 13.66 36.54
C ILE A 276 31.27 14.22 35.85
N VAL A 277 30.95 15.49 36.13
CA VAL A 277 29.90 16.19 35.39
C VAL A 277 30.55 17.39 34.70
N ILE A 278 30.32 17.54 33.41
CA ILE A 278 30.91 18.66 32.61
C ILE A 278 29.79 19.50 32.00
N ILE A 279 29.74 20.79 32.30
CA ILE A 279 28.67 21.68 31.81
C ILE A 279 29.28 22.77 30.96
N THR A 280 28.88 22.79 29.69
CA THR A 280 29.27 23.81 28.75
C THR A 280 28.27 24.97 28.89
N GLN A 281 28.74 26.18 28.60
CA GLN A 281 27.95 27.39 28.74
C GLN A 281 28.18 28.34 27.55
N GLY A 282 28.19 27.82 26.32
CA GLY A 282 28.51 28.66 25.16
C GLY A 282 29.89 29.31 25.25
N SER A 283 29.93 30.65 25.20
CA SER A 283 31.18 31.40 25.27
C SER A 283 31.72 31.54 26.69
N ASP A 284 30.91 31.17 27.68
CA ASP A 284 31.35 31.22 29.08
C ASP A 284 32.11 29.95 29.45
N PRO A 285 32.72 29.93 30.65
CA PRO A 285 33.65 28.85 31.01
C PRO A 285 32.98 27.48 30.99
N VAL A 286 33.71 26.46 30.53
CA VAL A 286 33.27 25.09 30.72
C VAL A 286 33.48 24.75 32.21
N LEU A 287 32.48 24.11 32.84
CA LEU A 287 32.57 23.77 34.26
C LEU A 287 32.79 22.28 34.46
N LEU A 288 33.76 21.95 35.31
CA LEU A 288 34.08 20.58 35.66
C LEU A 288 33.72 20.35 37.11
N ILE A 289 32.87 19.36 37.35
CA ILE A 289 32.51 18.95 38.69
C ILE A 289 32.90 17.50 38.90
N GLU A 290 33.65 17.22 39.96
CA GLU A 290 34.00 15.87 40.33
C GLU A 290 33.36 15.52 41.65
N ALA A 291 32.78 14.33 41.72
CA ALA A 291 32.24 13.86 42.98
C ALA A 291 33.34 13.89 44.05
N GLY A 292 32.96 14.19 45.27
CA GLY A 292 33.90 14.16 46.38
C GLY A 292 34.73 15.43 46.56
N THR A 293 34.35 16.50 45.85
CA THR A 293 34.98 17.81 46.03
C THR A 293 33.85 18.83 46.12
N ASP A 294 34.13 20.02 46.62
CA ASP A 294 33.09 21.03 46.73
C ASP A 294 33.57 22.27 46.02
N ASN A 295 34.37 22.04 44.98
CA ASN A 295 35.08 23.13 44.32
C ASN A 295 35.01 22.91 42.82
N VAL A 296 34.09 23.61 42.17
CA VAL A 296 33.94 23.47 40.72
C VAL A 296 35.05 24.20 39.95
N ARG A 297 35.69 23.49 39.04
CA ARG A 297 36.76 24.03 38.22
C ARG A 297 36.21 24.59 36.90
N GLU A 298 36.81 25.66 36.43
CA GLU A 298 36.40 26.35 35.23
C GLU A 298 37.47 26.35 34.19
N PHE A 299 37.06 26.20 32.94
CA PHE A 299 37.94 26.33 31.80
C PHE A 299 37.44 27.43 30.86
N PRO A 300 38.04 28.63 30.96
CA PRO A 300 37.61 29.77 30.15
C PRO A 300 37.69 29.47 28.67
N VAL A 301 36.82 30.07 27.88
CA VAL A 301 36.87 29.93 26.42
C VAL A 301 37.05 31.30 25.78
N GLN A 302 37.86 31.39 24.72
CA GLN A 302 37.92 32.64 23.94
C GLN A 302 36.65 32.88 23.14
N LYS A 303 35.87 33.88 23.56
CA LYS A 303 34.62 34.21 22.92
C LYS A 303 34.86 34.48 21.44
N LEU A 304 34.16 33.76 20.57
CA LEU A 304 34.35 33.92 19.16
C LEU A 304 33.58 35.09 18.62
N ALA A 305 34.35 36.00 18.01
CA ALA A 305 33.86 37.13 17.25
C ALA A 305 33.13 36.66 16.00
N THR A 312 27.23 28.00 15.92
CA THR A 312 27.23 27.09 14.77
C THR A 312 26.94 25.66 15.21
N ASN A 313 26.60 24.84 14.22
CA ASN A 313 26.13 23.47 14.39
C ASN A 313 27.08 22.54 15.08
N GLY A 314 26.63 21.97 16.19
CA GLY A 314 27.35 20.86 16.78
C GLY A 314 28.63 21.22 17.52
N ALA A 315 28.73 22.44 18.00
CA ALA A 315 29.86 22.86 18.84
C ALA A 315 29.98 21.96 20.10
N GLY A 316 28.86 21.71 20.75
CA GLY A 316 28.79 20.82 21.92
C GLY A 316 29.20 19.40 21.56
N ASP A 317 28.83 18.95 20.36
CA ASP A 317 29.22 17.61 19.91
C ASP A 317 30.72 17.51 19.67
N ALA A 318 31.29 18.57 19.09
CA ALA A 318 32.70 18.71 18.83
C ALA A 318 33.51 18.84 20.10
N PHE A 319 32.93 19.53 21.08
CA PHE A 319 33.54 19.61 22.40
C PHE A 319 33.73 18.19 22.94
N VAL A 320 32.69 17.39 22.87
CA VAL A 320 32.79 15.98 23.35
C VAL A 320 33.78 15.15 22.51
N GLY A 321 33.74 15.27 21.19
CA GLY A 321 34.76 14.59 20.35
C GLY A 321 36.20 14.91 20.77
N GLY A 322 36.50 16.18 21.04
CA GLY A 322 37.85 16.62 21.46
C GLY A 322 38.21 15.97 22.80
N PHE A 323 37.26 16.00 23.73
CA PHE A 323 37.41 15.37 25.05
C PHE A 323 37.72 13.88 24.92
N LEU A 324 36.95 13.19 24.09
CA LEU A 324 37.10 11.71 23.93
C LEU A 324 38.44 11.39 23.24
N ALA A 325 38.87 12.21 22.29
CA ALA A 325 40.16 11.98 21.63
C ALA A 325 41.32 11.93 22.66
N GLN A 326 41.25 12.79 23.68
CA GLN A 326 42.31 12.83 24.69
C GLN A 326 42.12 11.75 25.72
N LEU A 327 40.87 11.40 26.00
CA LEU A 327 40.55 10.40 27.01
C LEU A 327 41.10 9.04 26.57
N LEU A 328 40.93 8.74 25.28
CA LEU A 328 41.42 7.52 24.67
C LEU A 328 42.96 7.43 24.72
N GLN A 329 43.63 8.57 24.76
CA GLN A 329 45.08 8.65 24.86
C GLN A 329 45.52 8.79 26.32
N SER A 330 44.64 8.41 27.26
CA SER A 330 44.85 8.49 28.71
C SER A 330 45.34 9.83 29.25
N ARG A 331 44.94 10.94 28.66
CA ARG A 331 45.38 12.24 29.20
C ARG A 331 44.49 12.62 30.37
N THR A 332 44.91 13.58 31.19
CA THR A 332 44.10 13.93 32.37
C THR A 332 42.92 14.78 31.92
N VAL A 333 41.94 14.93 32.80
CA VAL A 333 40.68 15.59 32.48
C VAL A 333 40.89 17.02 31.98
N ASP A 334 41.87 17.74 32.53
CA ASP A 334 42.08 19.12 32.12
C ASP A 334 42.55 19.22 30.68
N VAL A 335 43.36 18.25 30.27
CA VAL A 335 43.76 18.18 28.87
C VAL A 335 42.56 17.73 28.00
N CYS A 336 41.75 16.80 28.49
CA CYS A 336 40.56 16.38 27.72
C CYS A 336 39.65 17.55 27.45
N ILE A 337 39.44 18.39 28.48
CA ILE A 337 38.54 19.53 28.35
C ILE A 337 39.11 20.63 27.43
N LYS A 338 40.42 20.90 27.58
CA LYS A 338 41.08 21.91 26.71
C LYS A 338 41.01 21.46 25.25
N CYS A 339 41.24 20.18 24.97
CA CYS A 339 41.06 19.70 23.59
C CYS A 339 39.61 19.87 23.10
N GLY A 340 38.64 19.63 23.99
CA GLY A 340 37.21 19.85 23.69
C GLY A 340 36.94 21.29 23.29
N ILE A 341 37.46 22.21 24.07
CA ILE A 341 37.25 23.63 23.77
C ILE A 341 37.93 24.01 22.47
N TRP A 342 39.14 23.51 22.26
CA TRP A 342 39.88 23.76 21.03
C TRP A 342 39.11 23.24 19.79
N ALA A 343 38.55 22.04 19.92
CA ALA A 343 37.86 21.39 18.80
C ALA A 343 36.57 22.10 18.44
N ALA A 344 35.81 22.47 19.47
CA ALA A 344 34.60 23.24 19.27
C ALA A 344 34.92 24.54 18.53
N ARG A 345 35.99 25.21 18.93
CA ARG A 345 36.36 26.48 18.31
C ARG A 345 36.82 26.34 16.84
N GLU A 346 37.52 25.24 16.52
CA GLU A 346 37.85 24.86 15.13
C GLU A 346 36.61 24.63 14.26
N ILE A 347 35.66 23.87 14.79
CA ILE A 347 34.42 23.52 14.11
C ILE A 347 33.56 24.78 13.85
N ILE A 348 33.59 25.72 14.79
CA ILE A 348 32.88 27.01 14.66
C ILE A 348 33.49 27.84 13.52
N GLN A 349 34.81 27.86 13.44
CA GLN A 349 35.52 28.52 12.35
C GLN A 349 35.24 27.89 11.00
N ARG A 350 35.66 26.64 10.83
CA ARG A 350 35.85 26.05 9.50
C ARG A 350 34.73 25.14 9.02
N SER A 351 33.81 24.79 9.93
CA SER A 351 32.67 23.93 9.59
C SER A 351 33.15 22.54 9.12
N GLY A 352 32.56 22.02 8.04
CA GLY A 352 32.99 20.72 7.49
C GLY A 352 34.44 20.68 7.00
N CYS A 353 34.94 21.82 6.52
CA CYS A 353 36.34 21.97 6.04
C CYS A 353 37.42 21.58 7.04
N THR A 354 37.09 21.71 8.33
CA THR A 354 38.01 21.36 9.41
C THR A 354 38.58 19.93 9.22
N PHE A 355 37.73 19.02 8.74
CA PHE A 355 38.08 17.60 8.58
C PHE A 355 39.14 17.34 7.50
N GLU A 356 39.36 18.33 6.65
CA GLU A 356 40.36 18.25 5.60
C GLU A 356 41.73 18.70 6.11
N GLY A 357 41.72 19.58 7.11
CA GLY A 357 42.96 20.02 7.76
C GLY A 357 43.68 18.95 8.55
N GLU A 358 44.81 19.36 9.13
CA GLU A 358 45.61 18.55 10.03
C GLU A 358 45.36 19.08 11.45
N PRO A 359 44.85 18.25 12.36
CA PRO A 359 44.71 18.68 13.76
C PRO A 359 46.05 19.08 14.38
N SER A 360 46.11 20.28 14.95
CA SER A 360 47.37 20.82 15.49
C SER A 360 47.25 21.18 16.99
N PHE A 361 46.46 20.42 17.73
CA PHE A 361 46.15 20.75 19.12
C PHE A 361 47.39 20.63 20.04
N LEU B 21 -10.54 -8.39 -1.57
CA LEU B 21 -10.39 -8.75 -3.01
C LEU B 21 -11.71 -9.15 -3.69
N ARG B 22 -11.96 -8.58 -4.87
CA ARG B 22 -13.02 -9.07 -5.76
C ARG B 22 -12.57 -9.04 -7.23
N ASP B 23 -13.40 -9.59 -8.12
CA ASP B 23 -13.08 -9.64 -9.55
C ASP B 23 -12.94 -8.24 -10.15
N GLY B 24 -12.05 -8.15 -11.11
CA GLY B 24 -11.94 -6.94 -11.92
C GLY B 24 -11.31 -5.74 -11.24
N MET B 25 -10.50 -5.95 -10.21
CA MET B 25 -9.84 -4.80 -9.51
C MET B 25 -8.81 -4.08 -10.38
N LEU B 26 -8.13 -4.86 -11.22
CA LEU B 26 -7.02 -4.41 -12.07
C LEU B 26 -7.35 -4.60 -13.54
N VAL B 27 -7.28 -3.56 -14.35
CA VAL B 27 -7.23 -3.82 -15.80
C VAL B 27 -5.91 -3.41 -16.46
N GLY B 28 -5.43 -4.28 -17.35
CA GLY B 28 -4.21 -4.06 -18.12
C GLY B 28 -4.59 -3.93 -19.58
N LEU B 29 -3.94 -3.00 -20.26
CA LEU B 29 -4.04 -2.83 -21.70
C LEU B 29 -2.68 -3.13 -22.33
N GLY B 30 -2.63 -4.03 -23.30
CA GLY B 30 -1.35 -4.45 -23.86
C GLY B 30 -1.42 -5.17 -25.18
N ASN B 31 -0.24 -5.60 -25.62
CA ASN B 31 -0.07 -6.42 -26.82
C ASN B 31 0.06 -7.91 -26.47
N PRO B 32 -1.00 -8.70 -26.77
CA PRO B 32 -0.81 -10.11 -26.44
C PRO B 32 0.03 -10.78 -27.53
N LEU B 33 1.23 -11.24 -27.17
CA LEU B 33 2.20 -11.77 -28.13
C LEU B 33 2.63 -13.17 -27.76
N LEU B 34 2.82 -14.04 -28.75
CA LEU B 34 3.46 -15.34 -28.50
C LEU B 34 4.96 -15.17 -28.74
N ASP B 35 5.78 -15.43 -27.71
CA ASP B 35 7.24 -15.36 -27.86
C ASP B 35 7.76 -16.61 -28.57
N ILE B 36 8.63 -16.38 -29.55
CA ILE B 36 9.31 -17.47 -30.26
C ILE B 36 10.78 -17.31 -29.91
N SER B 37 11.26 -18.16 -29.01
CA SER B 37 12.58 -17.98 -28.45
C SER B 37 13.46 -19.21 -28.65
N ALA B 38 14.73 -18.94 -28.94
CA ALA B 38 15.69 -19.97 -29.30
C ALA B 38 17.07 -19.40 -29.11
N VAL B 39 17.99 -20.25 -28.67
CA VAL B 39 19.40 -19.88 -28.63
C VAL B 39 19.88 -19.76 -30.08
N VAL B 40 20.58 -18.67 -30.38
CA VAL B 40 21.22 -18.49 -31.69
C VAL B 40 22.69 -18.08 -31.50
N GLU B 41 23.37 -17.78 -32.62
CA GLU B 41 24.73 -17.21 -32.62
C GLU B 41 24.68 -15.79 -33.14
N LYS B 42 25.61 -14.96 -32.68
CA LYS B 42 25.69 -13.55 -33.06
C LYS B 42 25.55 -13.34 -34.57
N ASP B 43 25.88 -14.37 -35.34
CA ASP B 43 25.71 -14.37 -36.79
C ASP B 43 24.32 -13.86 -37.18
N LEU B 44 23.29 -14.51 -36.64
CA LEU B 44 21.89 -14.24 -37.01
C LEU B 44 21.43 -12.82 -36.66
N LEU B 45 21.94 -12.31 -35.55
CA LEU B 45 21.70 -10.93 -35.15
C LEU B 45 22.10 -9.94 -36.25
N ASN B 46 23.35 -10.05 -36.71
CA ASN B 46 23.90 -9.19 -37.78
C ASN B 46 23.21 -9.47 -39.10
N LYS B 47 22.79 -10.72 -39.28
CA LYS B 47 22.02 -11.11 -40.45
C LYS B 47 20.73 -10.27 -40.58
N TYR B 48 20.05 -10.04 -39.44
CA TYR B 48 18.80 -9.29 -39.44
C TYR B 48 18.95 -7.90 -38.78
N ASP B 49 20.15 -7.32 -38.90
CA ASP B 49 20.48 -5.98 -38.40
C ASP B 49 20.17 -5.76 -36.91
N MET B 50 20.28 -6.82 -36.12
CA MET B 50 19.77 -6.78 -34.76
C MET B 50 20.83 -6.48 -33.70
N GLN B 51 20.80 -5.25 -33.21
CA GLN B 51 21.61 -4.85 -32.06
C GLN B 51 21.32 -5.84 -30.91
N PRO B 52 22.38 -6.30 -30.20
CA PRO B 52 22.11 -7.19 -29.07
C PRO B 52 21.63 -6.38 -27.88
N ASN B 53 21.19 -7.08 -26.83
CA ASN B 53 20.67 -6.44 -25.61
C ASN B 53 19.65 -5.31 -25.86
N ASN B 54 18.73 -5.52 -26.81
CA ASN B 54 17.72 -4.51 -27.17
C ASN B 54 16.32 -5.08 -27.43
N ALA B 55 15.38 -4.19 -27.75
CA ALA B 55 14.04 -4.59 -28.20
C ALA B 55 13.62 -3.67 -29.32
N ILE B 56 13.23 -4.25 -30.45
CA ILE B 56 12.77 -3.49 -31.62
C ILE B 56 11.41 -3.97 -32.16
N LEU B 57 10.79 -3.16 -33.02
CA LEU B 57 9.63 -3.54 -33.80
C LEU B 57 10.05 -4.04 -35.19
N ALA B 58 9.40 -5.11 -35.65
CA ALA B 58 9.75 -5.74 -36.94
C ALA B 58 9.45 -4.82 -38.12
N GLU B 59 10.38 -4.76 -39.06
CA GLU B 59 10.13 -4.15 -40.37
C GLU B 59 9.95 -5.25 -41.42
N GLU B 60 9.96 -4.89 -42.70
CA GLU B 60 9.88 -5.93 -43.75
C GLU B 60 11.07 -6.89 -43.71
N LYS B 61 12.28 -6.34 -43.56
CA LYS B 61 13.51 -7.15 -43.52
C LYS B 61 13.59 -8.15 -42.36
N HIS B 62 12.67 -8.05 -41.40
CA HIS B 62 12.64 -8.93 -40.25
C HIS B 62 11.73 -10.15 -40.42
N MET B 63 10.73 -10.02 -41.28
CA MET B 63 9.67 -11.02 -41.38
C MET B 63 10.10 -12.48 -41.59
N PRO B 64 11.16 -12.74 -42.39
CA PRO B 64 11.60 -14.13 -42.60
C PRO B 64 12.13 -14.84 -41.36
N MET B 65 12.64 -14.06 -40.42
CA MET B 65 13.29 -14.57 -39.21
C MET B 65 12.43 -15.54 -38.38
N TYR B 66 11.12 -15.34 -38.35
CA TYR B 66 10.22 -16.14 -37.51
C TYR B 66 10.12 -17.60 -37.98
N GLN B 67 9.86 -17.79 -39.27
CA GLN B 67 9.90 -19.13 -39.88
C GLN B 67 11.29 -19.77 -39.71
N GLU B 68 12.35 -18.97 -39.91
CA GLU B 68 13.70 -19.46 -39.68
C GLU B 68 13.93 -19.96 -38.24
N LEU B 69 13.41 -19.23 -37.25
CA LEU B 69 13.49 -19.65 -35.83
C LEU B 69 12.71 -20.92 -35.55
N ILE B 70 11.50 -21.00 -36.08
CA ILE B 70 10.66 -22.17 -35.84
C ILE B 70 11.28 -23.42 -36.49
N GLU B 71 11.63 -23.32 -37.77
CA GLU B 71 12.06 -24.49 -38.56
C GLU B 71 13.53 -24.84 -38.38
N LYS B 72 14.40 -23.86 -38.54
CA LYS B 72 15.84 -24.09 -38.40
C LYS B 72 16.28 -24.26 -36.93
N TYR B 73 15.79 -23.43 -36.02
CA TYR B 73 16.29 -23.44 -34.63
C TYR B 73 15.46 -24.21 -33.62
N GLN B 74 14.38 -24.86 -34.07
CA GLN B 74 13.47 -25.59 -33.18
C GLN B 74 12.97 -24.69 -32.05
N ALA B 75 12.67 -23.43 -32.37
CA ALA B 75 12.28 -22.44 -31.37
C ALA B 75 11.11 -22.87 -30.48
N GLU B 76 11.13 -22.40 -29.23
CA GLU B 76 10.11 -22.70 -28.24
C GLU B 76 9.03 -21.62 -28.27
N TYR B 77 7.81 -22.03 -27.96
CA TYR B 77 6.63 -21.18 -27.97
C TYR B 77 6.30 -20.83 -26.52
N ILE B 78 6.30 -19.53 -26.21
CA ILE B 78 6.01 -19.11 -24.82
C ILE B 78 5.02 -17.94 -24.79
N ALA B 79 3.93 -18.09 -24.04
CA ALA B 79 2.96 -16.99 -23.86
C ALA B 79 3.74 -15.74 -23.47
N GLY B 80 3.46 -14.61 -24.09
CA GLY B 80 4.29 -13.45 -23.87
C GLY B 80 3.55 -12.16 -23.98
N GLY B 81 4.26 -11.08 -24.28
CA GLY B 81 3.67 -9.74 -24.20
C GLY B 81 3.77 -9.16 -22.79
N SER B 82 4.22 -7.91 -22.69
CA SER B 82 4.67 -7.35 -21.40
C SER B 82 3.55 -7.31 -20.36
N VAL B 83 2.47 -6.59 -20.66
CA VAL B 83 1.32 -6.46 -19.74
C VAL B 83 0.73 -7.82 -19.37
N GLN B 84 0.53 -8.66 -20.39
CA GLN B 84 -0.04 -10.00 -20.16
C GLN B 84 0.82 -10.81 -19.19
N ASN B 85 2.13 -10.85 -19.43
CA ASN B 85 3.10 -11.44 -18.51
C ASN B 85 2.92 -10.91 -17.06
N SER B 86 2.84 -9.58 -16.89
CA SER B 86 2.72 -9.01 -15.55
C SER B 86 1.41 -9.45 -14.87
N LEU B 87 0.33 -9.50 -15.66
CA LEU B 87 -0.96 -9.91 -15.11
C LEU B 87 -1.00 -11.39 -14.78
N ARG B 88 -0.36 -12.21 -15.60
CA ARG B 88 -0.26 -13.64 -15.29
C ARG B 88 0.53 -13.88 -13.99
N VAL B 89 1.69 -13.21 -13.85
CA VAL B 89 2.46 -13.29 -12.59
C VAL B 89 1.66 -12.78 -11.38
N ALA B 90 1.03 -11.62 -11.52
CA ALA B 90 0.16 -11.09 -10.47
C ALA B 90 -0.92 -12.11 -10.08
N GLN B 91 -1.58 -12.71 -11.08
CA GLN B 91 -2.65 -13.67 -10.82
C GLN B 91 -2.15 -14.94 -10.14
N TRP B 92 -0.96 -15.38 -10.54
CA TRP B 92 -0.38 -16.56 -9.95
C TRP B 92 -0.10 -16.37 -8.45
N ILE B 93 0.41 -15.21 -8.10
CA ILE B 93 0.64 -14.87 -6.71
C ILE B 93 -0.67 -14.73 -5.94
N LEU B 94 -1.63 -14.00 -6.52
CA LEU B 94 -2.94 -13.82 -5.91
C LEU B 94 -3.71 -15.15 -5.65
N GLN B 95 -3.53 -16.13 -6.53
CA GLN B 95 -4.33 -17.38 -6.52
C GLN B 95 -5.81 -17.06 -6.29
N ARG B 96 -6.32 -16.07 -7.01
CA ARG B 96 -7.74 -15.73 -6.97
C ARG B 96 -8.15 -15.29 -8.37
N PRO B 97 -8.68 -16.24 -9.16
CA PRO B 97 -9.02 -15.97 -10.55
C PRO B 97 -9.91 -14.74 -10.75
N ARG B 98 -9.72 -14.08 -11.89
CA ARG B 98 -10.52 -12.95 -12.39
C ARG B 98 -10.25 -11.62 -11.70
N THR B 99 -9.28 -11.58 -10.79
CA THR B 99 -8.97 -10.32 -10.12
C THR B 99 -8.41 -9.27 -11.11
N ALA B 100 -7.67 -9.73 -12.10
CA ALA B 100 -7.12 -8.90 -13.18
C ALA B 100 -7.80 -9.23 -14.54
N ILE B 101 -8.05 -8.19 -15.33
CA ILE B 101 -8.66 -8.27 -16.66
C ILE B 101 -7.64 -7.77 -17.69
N PHE B 102 -7.48 -8.50 -18.78
CA PHE B 102 -6.55 -8.12 -19.83
C PHE B 102 -7.28 -7.78 -21.12
N PHE B 103 -7.02 -6.57 -21.63
CA PHE B 103 -7.50 -6.11 -22.93
C PHE B 103 -6.35 -5.98 -23.92
N GLY B 104 -6.58 -6.49 -25.13
CA GLY B 104 -5.55 -6.59 -26.19
C GLY B 104 -6.20 -7.29 -27.39
N CYS B 105 -5.56 -7.20 -28.55
CA CYS B 105 -6.14 -7.76 -29.79
C CYS B 105 -5.29 -8.92 -30.32
N VAL B 106 -5.95 -10.06 -30.50
CA VAL B 106 -5.33 -11.25 -31.11
C VAL B 106 -5.99 -11.62 -32.48
N GLY B 107 -5.39 -12.59 -33.17
CA GLY B 107 -5.96 -13.10 -34.41
C GLY B 107 -6.94 -14.22 -34.12
N GLN B 108 -7.54 -14.75 -35.18
CA GLN B 108 -8.41 -15.91 -35.07
C GLN B 108 -7.59 -17.06 -35.58
N ASP B 109 -6.73 -17.58 -34.71
CA ASP B 109 -5.74 -18.56 -35.12
C ASP B 109 -5.29 -19.39 -33.95
N GLU B 110 -4.37 -20.31 -34.19
CA GLU B 110 -3.93 -21.21 -33.12
C GLU B 110 -2.98 -20.52 -32.11
N TYR B 111 -2.22 -19.52 -32.56
CA TYR B 111 -1.42 -18.71 -31.64
C TYR B 111 -2.31 -18.09 -30.53
N ALA B 112 -3.46 -17.54 -30.93
CA ALA B 112 -4.49 -16.99 -30.03
C ALA B 112 -4.94 -17.97 -28.97
N ARG B 113 -5.28 -19.19 -29.37
CA ARG B 113 -5.66 -20.20 -28.39
C ARG B 113 -4.53 -20.47 -27.39
N ILE B 114 -3.26 -20.50 -27.84
CA ILE B 114 -2.16 -20.75 -26.89
C ILE B 114 -2.11 -19.67 -25.78
N LEU B 115 -2.23 -18.41 -26.20
CA LEU B 115 -2.26 -17.25 -25.29
C LEU B 115 -3.49 -17.28 -24.36
N GLU B 116 -4.69 -17.38 -24.96
CA GLU B 116 -5.93 -17.50 -24.22
C GLU B 116 -5.85 -18.53 -23.12
N GLU B 117 -5.40 -19.74 -23.47
CA GLU B 117 -5.40 -20.85 -22.53
C GLU B 117 -4.44 -20.63 -21.38
N ARG B 118 -3.25 -20.11 -21.71
CA ARG B 118 -2.23 -19.86 -20.71
C ARG B 118 -2.60 -18.73 -19.73
N ALA B 119 -3.03 -17.59 -20.24
CA ALA B 119 -3.46 -16.51 -19.37
C ALA B 119 -4.67 -16.90 -18.51
N THR B 120 -5.62 -17.63 -19.10
CA THR B 120 -6.81 -18.12 -18.37
C THR B 120 -6.43 -19.14 -17.30
N SER B 121 -5.51 -20.01 -17.68
CA SER B 121 -5.01 -21.02 -16.78
C SER B 121 -4.36 -20.36 -15.58
N ASN B 122 -3.74 -19.20 -15.80
CA ASN B 122 -3.16 -18.45 -14.67
C ASN B 122 -4.18 -17.70 -13.83
N GLY B 123 -5.36 -17.48 -14.38
CA GLY B 123 -6.45 -16.85 -13.63
C GLY B 123 -6.82 -15.46 -14.12
N VAL B 124 -6.22 -15.04 -15.24
CA VAL B 124 -6.52 -13.76 -15.86
C VAL B 124 -7.90 -13.82 -16.52
N ASN B 125 -8.70 -12.77 -16.36
CA ASN B 125 -9.90 -12.61 -17.17
C ASN B 125 -9.48 -11.94 -18.48
N VAL B 126 -9.23 -12.73 -19.53
CA VAL B 126 -8.79 -12.14 -20.79
C VAL B 126 -10.00 -11.75 -21.61
N GLN B 127 -9.98 -10.51 -22.08
CA GLN B 127 -11.03 -9.98 -22.92
C GLN B 127 -10.41 -9.55 -24.25
N TYR B 128 -10.03 -10.52 -25.08
CA TYR B 128 -9.37 -10.16 -26.35
C TYR B 128 -10.39 -9.66 -27.35
N GLN B 129 -10.00 -8.62 -28.06
CA GLN B 129 -10.55 -8.26 -29.36
C GLN B 129 -9.98 -9.29 -30.37
N ARG B 130 -10.74 -9.58 -31.43
CA ARG B 130 -10.34 -10.55 -32.46
C ARG B 130 -10.16 -9.86 -33.78
N SER B 131 -8.98 -9.97 -34.37
CA SER B 131 -8.79 -9.43 -35.71
C SER B 131 -9.20 -10.46 -36.76
N ALA B 132 -10.04 -10.06 -37.71
CA ALA B 132 -10.52 -10.96 -38.75
C ALA B 132 -9.42 -11.27 -39.76
N THR B 133 -8.50 -10.31 -39.90
CA THR B 133 -7.58 -10.27 -41.02
C THR B 133 -6.12 -10.50 -40.69
N SER B 134 -5.64 -10.01 -39.54
CA SER B 134 -4.21 -10.16 -39.18
C SER B 134 -3.96 -11.37 -38.24
N PRO B 135 -2.81 -12.04 -38.37
CA PRO B 135 -2.56 -13.13 -37.45
C PRO B 135 -2.09 -12.56 -36.07
N THR B 136 -2.24 -13.36 -35.01
CA THR B 136 -1.78 -12.99 -33.66
C THR B 136 -0.31 -12.57 -33.68
N GLY B 137 0.01 -11.45 -33.02
CA GLY B 137 1.38 -11.00 -32.85
C GLY B 137 2.34 -11.99 -32.21
N THR B 138 3.63 -11.83 -32.55
CA THR B 138 4.71 -12.67 -32.02
C THR B 138 5.93 -11.81 -31.61
N CYS B 139 6.78 -12.37 -30.77
CA CYS B 139 8.04 -11.70 -30.44
C CYS B 139 9.16 -12.70 -30.56
N ALA B 140 10.12 -12.39 -31.41
CA ALA B 140 11.31 -13.21 -31.49
C ALA B 140 12.16 -12.86 -30.27
N VAL B 141 12.54 -13.87 -29.51
CA VAL B 141 13.41 -13.73 -28.35
C VAL B 141 14.71 -14.48 -28.64
N LEU B 142 15.73 -13.75 -29.08
CA LEU B 142 17.01 -14.35 -29.43
C LEU B 142 18.01 -14.36 -28.26
N VAL B 143 18.40 -15.56 -27.86
CA VAL B 143 19.38 -15.77 -26.79
C VAL B 143 20.80 -15.92 -27.37
N THR B 144 21.73 -15.10 -26.86
CA THR B 144 23.17 -15.25 -27.14
C THR B 144 23.93 -15.26 -25.81
N GLY B 145 24.02 -16.43 -25.18
CA GLY B 145 24.58 -16.56 -23.85
C GLY B 145 23.56 -16.12 -22.81
N THR B 146 23.82 -14.99 -22.17
CA THR B 146 22.84 -14.37 -21.29
C THR B 146 22.08 -13.25 -22.03
N GLN B 147 22.68 -12.76 -23.12
CA GLN B 147 22.16 -11.62 -23.88
C GLN B 147 20.85 -11.95 -24.61
N ARG B 148 19.77 -11.24 -24.26
CA ARG B 148 18.49 -11.35 -24.92
C ARG B 148 18.36 -10.27 -25.99
N SER B 149 17.86 -10.64 -27.16
CA SER B 149 17.52 -9.67 -28.20
C SER B 149 16.11 -9.93 -28.76
N LEU B 150 15.30 -8.89 -28.83
CA LEU B 150 13.87 -9.05 -29.11
C LEU B 150 13.41 -8.30 -30.34
N CYS B 151 12.53 -8.93 -31.10
CA CYS B 151 11.95 -8.32 -32.28
C CYS B 151 10.49 -8.72 -32.33
N ALA B 152 9.62 -7.71 -32.17
CA ALA B 152 8.19 -7.90 -32.04
C ALA B 152 7.45 -7.63 -33.35
N ASN B 153 6.67 -8.63 -33.77
CA ASN B 153 5.76 -8.45 -34.90
C ASN B 153 4.35 -8.35 -34.35
N LEU B 154 3.86 -7.12 -34.26
CA LEU B 154 2.64 -6.83 -33.50
C LEU B 154 1.38 -7.38 -34.17
N ALA B 155 1.27 -7.14 -35.49
CA ALA B 155 0.26 -7.80 -36.33
C ALA B 155 -1.13 -7.59 -35.76
N ALA B 156 -1.79 -8.67 -35.32
CA ALA B 156 -3.16 -8.54 -34.80
C ALA B 156 -3.29 -7.59 -33.61
N ALA B 157 -2.28 -7.58 -32.74
CA ALA B 157 -2.22 -6.67 -31.58
C ALA B 157 -2.37 -5.22 -32.04
N ASN B 158 -1.86 -4.97 -33.25
CA ASN B 158 -1.99 -3.66 -33.87
C ASN B 158 -3.43 -3.28 -34.26
N ASP B 159 -4.33 -4.24 -34.31
CA ASP B 159 -5.70 -3.95 -34.74
C ASP B 159 -6.61 -3.61 -33.58
N PHE B 160 -6.04 -3.44 -32.39
CA PHE B 160 -6.82 -2.99 -31.25
C PHE B 160 -7.44 -1.64 -31.54
N THR B 161 -8.72 -1.51 -31.24
CA THR B 161 -9.38 -0.21 -31.36
C THR B 161 -10.05 0.21 -30.05
N PRO B 162 -10.23 1.55 -29.87
CA PRO B 162 -10.94 2.13 -28.73
C PRO B 162 -12.37 1.63 -28.57
N GLU B 163 -13.04 1.31 -29.68
CA GLU B 163 -14.41 0.80 -29.68
C GLU B 163 -14.55 -0.47 -28.89
N HIS B 164 -13.48 -1.28 -28.88
CA HIS B 164 -13.48 -2.48 -28.04
C HIS B 164 -13.79 -2.18 -26.58
N LEU B 165 -13.27 -1.05 -26.07
CA LEU B 165 -13.46 -0.70 -24.67
C LEU B 165 -14.82 -0.05 -24.39
N ARG B 166 -15.61 0.15 -25.45
CA ARG B 166 -16.85 0.91 -25.32
C ARG B 166 -18.14 0.08 -25.43
N SER B 167 -18.01 -1.23 -25.62
CA SER B 167 -19.18 -2.11 -25.52
C SER B 167 -19.71 -1.97 -24.09
N ASP B 168 -20.97 -2.34 -23.89
CA ASP B 168 -21.58 -2.35 -22.57
C ASP B 168 -20.75 -3.08 -21.50
N GLY B 169 -20.37 -4.32 -21.80
CA GLY B 169 -19.62 -5.17 -20.88
C GLY B 169 -18.21 -4.65 -20.59
N ASN B 170 -17.52 -4.10 -21.59
CA ASN B 170 -16.18 -3.58 -21.34
C ASN B 170 -16.14 -2.22 -20.64
N ARG B 171 -17.14 -1.38 -20.88
CA ARG B 171 -17.22 -0.17 -20.08
C ARG B 171 -17.54 -0.48 -18.61
N ALA B 172 -18.29 -1.56 -18.34
CA ALA B 172 -18.52 -1.99 -16.97
C ALA B 172 -17.21 -2.42 -16.31
N TYR B 173 -16.35 -3.11 -17.07
CA TYR B 173 -15.03 -3.49 -16.53
C TYR B 173 -14.18 -2.26 -16.18
N LEU B 174 -14.14 -1.26 -17.07
CA LEU B 174 -13.40 -0.05 -16.80
C LEU B 174 -13.94 0.73 -15.60
N GLN B 175 -15.27 0.80 -15.51
CA GLN B 175 -15.91 1.49 -14.39
C GLN B 175 -15.71 0.74 -13.08
N GLY B 176 -15.65 -0.59 -13.14
CA GLY B 176 -15.42 -1.43 -11.95
C GLY B 176 -13.98 -1.45 -11.43
N ALA B 177 -13.02 -1.15 -12.30
CA ALA B 177 -11.60 -1.25 -11.95
C ALA B 177 -11.17 -0.22 -10.89
N GLN B 178 -10.22 -0.59 -10.05
CA GLN B 178 -9.59 0.40 -9.18
C GLN B 178 -8.17 0.73 -9.60
N PHE B 179 -7.56 -0.12 -10.42
CA PHE B 179 -6.14 0.04 -10.83
C PHE B 179 -5.97 -0.25 -12.31
N PHE B 180 -5.19 0.59 -13.01
CA PHE B 180 -4.96 0.49 -14.44
C PHE B 180 -3.47 0.42 -14.75
N TYR B 181 -3.10 -0.51 -15.62
CA TYR B 181 -1.71 -0.68 -16.01
C TYR B 181 -1.56 -0.87 -17.54
N VAL B 182 -0.73 0.00 -18.14
CA VAL B 182 -0.51 0.04 -19.60
C VAL B 182 0.99 0.05 -19.90
N SER B 183 1.43 -0.72 -20.89
CA SER B 183 2.82 -0.69 -21.29
C SER B 183 3.09 0.48 -22.25
N GLY B 184 4.30 1.03 -22.23
CA GLY B 184 4.78 1.90 -23.30
C GLY B 184 4.56 1.22 -24.67
N PHE B 185 4.80 -0.09 -24.73
CA PHE B 185 4.62 -0.92 -25.95
C PHE B 185 3.26 -0.70 -26.62
N PHE B 186 2.24 -0.58 -25.77
CA PHE B 186 0.87 -0.36 -26.20
C PHE B 186 0.65 0.99 -26.91
N PHE B 187 1.53 1.96 -26.67
CA PHE B 187 1.45 3.25 -27.37
C PHE B 187 1.62 3.07 -28.88
N THR B 188 2.31 2.00 -29.31
CA THR B 188 2.42 1.66 -30.73
C THR B 188 1.05 1.40 -31.35
N VAL B 189 0.12 0.91 -30.54
CA VAL B 189 -1.11 0.28 -31.01
C VAL B 189 -2.33 1.19 -30.79
N SER B 190 -2.40 1.87 -29.67
CA SER B 190 -3.52 2.76 -29.40
C SER B 190 -3.21 3.69 -28.22
N PHE B 191 -2.39 4.69 -28.49
CA PHE B 191 -2.09 5.65 -27.46
C PHE B 191 -3.38 6.33 -27.02
N GLU B 192 -4.29 6.47 -27.98
CA GLU B 192 -5.61 7.07 -27.73
C GLU B 192 -6.37 6.34 -26.60
N SER B 193 -6.40 5.01 -26.65
CA SER B 193 -7.03 4.24 -25.58
C SER B 193 -6.29 4.44 -24.24
N ALA B 194 -4.96 4.32 -24.28
CA ALA B 194 -4.11 4.53 -23.11
C ALA B 194 -4.38 5.89 -22.41
N LEU B 195 -4.38 6.96 -23.21
CA LEU B 195 -4.60 8.32 -22.70
C LEU B 195 -6.03 8.53 -22.15
N SER B 196 -7.01 7.96 -22.85
CA SER B 196 -8.41 8.00 -22.46
C SER B 196 -8.61 7.34 -21.08
N VAL B 197 -8.03 6.15 -20.93
CA VAL B 197 -8.08 5.45 -19.65
C VAL B 197 -7.36 6.26 -18.55
N ALA B 198 -6.20 6.80 -18.88
CA ALA B 198 -5.43 7.59 -17.92
C ALA B 198 -6.24 8.78 -17.37
N LYS B 199 -6.84 9.56 -18.28
CA LYS B 199 -7.65 10.72 -17.88
C LYS B 199 -8.85 10.35 -17.01
N GLU B 200 -9.52 9.23 -17.30
CA GLU B 200 -10.65 8.81 -16.48
C GLU B 200 -10.20 8.30 -15.08
N ALA B 201 -9.04 7.64 -15.03
CA ALA B 201 -8.44 7.22 -13.78
C ALA B 201 -8.18 8.46 -12.88
N ALA B 202 -7.52 9.46 -13.44
CA ALA B 202 -7.12 10.67 -12.69
C ALA B 202 -8.35 11.41 -12.20
N ALA B 203 -9.36 11.53 -13.05
CA ALA B 203 -10.59 12.25 -12.69
C ALA B 203 -11.40 11.56 -11.61
N THR B 204 -11.23 10.25 -11.45
CA THR B 204 -11.98 9.49 -10.44
C THR B 204 -11.09 9.05 -9.26
N GLY B 205 -9.89 9.64 -9.19
CA GLY B 205 -8.94 9.30 -8.12
C GLY B 205 -8.33 7.88 -8.14
N ARG B 206 -8.42 7.18 -9.27
CA ARG B 206 -7.89 5.83 -9.38
C ARG B 206 -6.44 5.75 -9.93
N MET B 207 -5.70 4.73 -9.52
CA MET B 207 -4.30 4.58 -9.93
C MET B 207 -4.11 4.18 -11.38
N PHE B 208 -3.37 5.02 -12.11
CA PHE B 208 -2.91 4.70 -13.45
C PHE B 208 -1.39 4.51 -13.49
N MET B 209 -0.97 3.36 -13.98
CA MET B 209 0.44 2.96 -13.93
C MET B 209 0.90 2.51 -15.32
N MET B 210 2.18 2.75 -15.61
CA MET B 210 2.74 2.37 -16.90
C MET B 210 4.21 2.01 -16.85
N ASN B 211 4.68 1.40 -17.94
CA ASN B 211 6.03 0.91 -18.06
C ASN B 211 6.65 1.62 -19.24
N LEU B 212 7.91 2.03 -19.10
CA LEU B 212 8.68 2.56 -20.22
C LEU B 212 8.92 1.52 -21.33
N SER B 213 8.96 0.26 -20.94
CA SER B 213 8.90 -0.86 -21.87
C SER B 213 10.17 -1.13 -22.67
N ALA B 214 10.68 -0.11 -23.36
CA ALA B 214 11.85 -0.25 -24.24
C ALA B 214 12.44 1.10 -24.57
N PRO B 215 13.75 1.14 -24.85
CA PRO B 215 14.35 2.43 -25.23
C PRO B 215 13.66 3.09 -26.43
N PHE B 216 13.04 2.31 -27.31
CA PHE B 216 12.38 2.91 -28.49
C PHE B 216 11.16 3.73 -28.12
N VAL B 217 10.59 3.45 -26.94
CA VAL B 217 9.37 4.16 -26.52
C VAL B 217 9.57 5.68 -26.29
N PRO B 218 10.58 6.09 -25.48
CA PRO B 218 10.80 7.55 -25.41
C PRO B 218 11.25 8.20 -26.73
N GLN B 219 12.09 7.49 -27.50
CA GLN B 219 12.51 7.93 -28.85
C GLN B 219 11.32 8.14 -29.80
N PHE B 220 10.53 7.08 -30.06
CA PHE B 220 9.43 7.19 -31.02
C PHE B 220 8.24 7.97 -30.48
N TYR B 221 7.97 7.89 -29.18
CA TYR B 221 6.71 8.45 -28.67
C TYR B 221 6.88 9.52 -27.61
N LYS B 222 7.97 10.30 -27.72
CA LYS B 222 8.26 11.35 -26.74
C LYS B 222 7.02 12.18 -26.38
N ASN B 223 6.26 12.56 -27.40
CA ASN B 223 5.10 13.42 -27.24
C ASN B 223 3.95 12.73 -26.56
N ASN B 224 3.76 11.45 -26.88
CA ASN B 224 2.84 10.60 -26.14
C ASN B 224 3.19 10.63 -24.64
N LEU B 225 4.45 10.37 -24.32
CA LEU B 225 4.94 10.42 -22.92
C LEU B 225 4.56 11.75 -22.24
N GLU B 226 4.94 12.87 -22.85
CA GLU B 226 4.69 14.19 -22.26
C GLU B 226 3.22 14.42 -21.99
N GLU B 227 2.39 13.95 -22.91
CA GLU B 227 0.96 14.13 -22.83
C GLU B 227 0.31 13.26 -21.74
N ILE B 228 0.77 12.03 -21.60
CA ILE B 228 0.21 11.10 -20.64
C ILE B 228 0.79 11.23 -19.22
N PHE B 229 2.02 11.74 -19.07
CA PHE B 229 2.64 11.79 -17.73
C PHE B 229 1.85 12.44 -16.60
N PRO B 230 1.13 13.56 -16.86
CA PRO B 230 0.33 14.14 -15.77
C PRO B 230 -0.66 13.13 -15.12
N TYR B 231 -1.01 12.08 -15.86
CA TYR B 231 -1.98 11.08 -15.38
C TYR B 231 -1.33 9.80 -14.85
N VAL B 232 0.00 9.76 -14.81
CA VAL B 232 0.72 8.57 -14.36
C VAL B 232 1.07 8.64 -12.87
N ASP B 233 0.55 7.68 -12.10
CA ASP B 233 0.77 7.59 -10.65
C ASP B 233 2.00 6.77 -10.36
N VAL B 234 2.27 5.78 -11.21
CA VAL B 234 3.53 5.08 -11.12
C VAL B 234 4.10 4.68 -12.44
N LEU B 235 5.39 4.92 -12.55
CA LEU B 235 6.14 4.63 -13.73
C LEU B 235 7.20 3.59 -13.40
N PHE B 236 7.15 2.45 -14.10
CA PHE B 236 8.20 1.46 -14.06
C PHE B 236 9.13 1.60 -15.29
N GLY B 237 10.38 1.20 -15.12
CA GLY B 237 11.29 1.10 -16.25
C GLY B 237 12.63 0.54 -15.81
N ASN B 238 13.42 0.07 -16.77
CA ASN B 238 14.78 -0.34 -16.45
C ASN B 238 15.79 0.82 -16.66
N GLU B 239 17.05 0.56 -16.33
CA GLU B 239 18.06 1.61 -16.36
C GLU B 239 18.26 2.18 -17.78
N THR B 240 18.25 1.28 -18.78
CA THR B 240 18.43 1.66 -20.20
C THR B 240 17.27 2.51 -20.68
N GLU B 241 16.04 2.10 -20.34
CA GLU B 241 14.87 2.94 -20.60
C GLU B 241 14.91 4.32 -19.92
N ALA B 242 15.28 4.37 -18.64
CA ALA B 242 15.47 5.68 -17.95
C ALA B 242 16.53 6.57 -18.61
N ILE B 243 17.68 6.01 -18.94
CA ILE B 243 18.71 6.72 -19.72
C ILE B 243 18.17 7.22 -21.09
N ALA B 244 17.52 6.35 -21.86
CA ALA B 244 16.84 6.77 -23.10
C ALA B 244 15.88 7.95 -22.88
N LEU B 245 15.04 7.88 -21.84
CA LEU B 245 14.11 8.96 -21.60
C LEU B 245 14.86 10.26 -21.33
N ALA B 246 15.97 10.17 -20.59
CA ALA B 246 16.72 11.36 -20.23
C ALA B 246 17.32 12.03 -21.48
N LYS B 247 17.87 11.24 -22.39
CA LYS B 247 18.39 11.76 -23.67
C LYS B 247 17.31 12.53 -24.38
N GLU B 248 16.15 11.92 -24.60
CA GLU B 248 15.06 12.56 -25.33
C GLU B 248 14.55 13.85 -24.70
N PHE B 249 14.51 13.91 -23.37
CA PHE B 249 13.96 15.05 -22.66
C PHE B 249 15.04 16.10 -22.34
N ASN B 250 16.26 15.91 -22.85
CA ASN B 250 17.39 16.83 -22.61
C ASN B 250 17.75 17.09 -21.15
N TYR B 251 17.99 16.00 -20.41
CA TYR B 251 18.30 16.07 -18.97
C TYR B 251 19.80 16.23 -18.69
N GLY B 252 20.63 15.82 -19.63
CA GLY B 252 22.09 15.97 -19.55
C GLY B 252 22.78 15.18 -18.45
N THR B 253 22.17 14.07 -18.04
CA THR B 253 22.73 13.21 -17.00
C THR B 253 22.37 11.76 -17.30
N GLU B 254 23.24 10.83 -16.94
CA GLU B 254 22.87 9.42 -17.00
C GLU B 254 22.71 8.82 -15.60
N ASP B 255 22.69 9.71 -14.62
CA ASP B 255 22.49 9.41 -13.19
C ASP B 255 21.03 9.08 -12.94
N LEU B 256 20.78 7.80 -12.70
CA LEU B 256 19.45 7.24 -12.55
C LEU B 256 18.64 7.89 -11.44
N ARG B 257 19.28 8.13 -10.30
CA ARG B 257 18.62 8.79 -9.19
C ARG B 257 18.17 10.18 -9.58
N GLU B 258 19.06 10.97 -10.20
CA GLU B 258 18.65 12.29 -10.69
C GLU B 258 17.54 12.18 -11.75
N ILE B 259 17.65 11.20 -12.66
CA ILE B 259 16.60 10.99 -13.67
C ILE B 259 15.24 10.71 -13.03
N GLY B 260 15.20 9.75 -12.10
CA GLY B 260 13.95 9.42 -11.39
C GLY B 260 13.30 10.61 -10.69
N LYS B 261 14.10 11.42 -9.99
CA LYS B 261 13.59 12.63 -9.30
C LYS B 261 12.95 13.64 -10.25
N ARG B 262 13.56 13.81 -11.41
CA ARG B 262 13.07 14.77 -12.40
C ARG B 262 11.73 14.30 -12.96
N ILE B 263 11.64 13.00 -13.23
CA ILE B 263 10.37 12.46 -13.72
C ILE B 263 9.32 12.57 -12.64
N ALA B 264 9.66 12.17 -11.41
CA ALA B 264 8.71 12.18 -10.31
C ALA B 264 8.13 13.56 -10.04
N ALA B 265 8.94 14.59 -10.24
CA ALA B 265 8.52 15.96 -10.01
C ALA B 265 7.63 16.54 -11.11
N LEU B 266 7.37 15.80 -12.18
CA LEU B 266 6.63 16.39 -13.31
C LEU B 266 5.22 16.73 -12.86
N PRO B 267 4.62 17.77 -13.47
CA PRO B 267 3.27 18.18 -13.12
C PRO B 267 2.32 17.00 -13.14
N LYS B 268 1.40 16.97 -12.19
CA LYS B 268 0.51 15.85 -11.96
C LYS B 268 -0.95 16.27 -11.85
N GLU B 269 -1.82 15.65 -12.64
CA GLU B 269 -3.25 15.92 -12.60
C GLU B 269 -3.85 15.66 -11.21
N ASN B 270 -3.80 14.42 -10.73
CA ASN B 270 -4.27 14.15 -9.39
C ASN B 270 -3.16 14.36 -8.35
N GLY B 271 -3.14 15.57 -7.78
CA GLY B 271 -2.18 15.99 -6.75
C GLY B 271 -2.30 15.25 -5.42
N LYS B 272 -3.47 14.68 -5.12
CA LYS B 272 -3.65 13.98 -3.83
C LYS B 272 -2.85 12.69 -3.72
N ARG B 273 -2.18 12.31 -4.80
CA ARG B 273 -1.30 11.14 -4.77
C ARG B 273 -0.01 11.53 -5.45
N LYS B 274 1.08 11.50 -4.68
CA LYS B 274 2.41 11.81 -5.20
C LYS B 274 2.86 10.71 -6.16
N ARG B 275 3.55 11.10 -7.22
CA ARG B 275 4.04 10.16 -8.21
C ARG B 275 5.19 9.35 -7.65
N ILE B 276 5.21 8.05 -7.96
CA ILE B 276 6.41 7.26 -7.73
C ILE B 276 7.01 6.74 -9.03
N VAL B 277 8.34 6.61 -9.03
CA VAL B 277 9.08 6.06 -10.17
C VAL B 277 9.94 4.96 -9.63
N ILE B 278 9.95 3.86 -10.36
CA ILE B 278 10.63 2.68 -9.92
C ILE B 278 11.46 2.22 -11.08
N ILE B 279 12.77 2.22 -10.86
CA ILE B 279 13.77 1.85 -11.88
C ILE B 279 14.51 0.61 -11.44
N THR B 280 14.31 -0.47 -12.17
CA THR B 280 15.08 -1.71 -12.02
C THR B 280 16.45 -1.62 -12.74
N GLN B 281 17.43 -2.34 -12.22
CA GLN B 281 18.77 -2.39 -12.85
C GLN B 281 19.34 -3.79 -12.81
N GLY B 282 18.60 -4.77 -13.31
CA GLY B 282 19.12 -6.14 -13.38
C GLY B 282 19.47 -6.61 -11.98
N SER B 283 20.73 -7.00 -11.76
CA SER B 283 21.18 -7.47 -10.42
C SER B 283 21.40 -6.35 -9.40
N ASP B 284 21.53 -5.11 -9.87
CA ASP B 284 21.76 -3.98 -8.99
C ASP B 284 20.44 -3.53 -8.33
N PRO B 285 20.51 -2.71 -7.27
CA PRO B 285 19.26 -2.43 -6.51
C PRO B 285 18.10 -1.81 -7.30
N VAL B 286 16.87 -2.18 -6.96
CA VAL B 286 15.77 -1.42 -7.52
C VAL B 286 15.61 -0.09 -6.78
N LEU B 287 15.39 0.97 -7.55
CA LEU B 287 15.31 2.32 -7.02
C LEU B 287 13.86 2.78 -6.91
N LEU B 288 13.54 3.39 -5.77
CA LEU B 288 12.23 3.95 -5.55
C LEU B 288 12.37 5.44 -5.35
N ILE B 289 11.72 6.20 -6.22
CA ILE B 289 11.71 7.64 -6.15
C ILE B 289 10.28 8.06 -5.95
N GLU B 290 10.01 8.74 -4.84
CA GLU B 290 8.71 9.40 -4.66
C GLU B 290 8.81 10.92 -4.79
N ALA B 291 7.84 11.52 -5.49
CA ALA B 291 7.77 12.98 -5.65
C ALA B 291 7.78 13.69 -4.28
N GLY B 292 8.53 14.77 -4.19
CA GLY B 292 8.61 15.56 -2.95
C GLY B 292 9.46 14.91 -1.86
N THR B 293 10.38 14.05 -2.29
CA THR B 293 11.38 13.43 -1.43
C THR B 293 12.63 13.68 -2.23
N ASP B 294 13.71 14.10 -1.59
CA ASP B 294 14.94 14.27 -2.35
C ASP B 294 15.94 13.14 -1.99
N ASN B 295 15.41 11.95 -1.84
CA ASN B 295 16.14 10.85 -1.23
C ASN B 295 15.67 9.51 -1.81
N VAL B 296 16.38 9.02 -2.80
CA VAL B 296 16.05 7.75 -3.45
C VAL B 296 16.31 6.56 -2.55
N ARG B 297 15.30 5.70 -2.40
CA ARG B 297 15.42 4.47 -1.61
C ARG B 297 15.81 3.31 -2.51
N GLU B 298 16.56 2.34 -1.97
CA GLU B 298 17.08 1.21 -2.75
C GLU B 298 16.64 -0.08 -2.12
N PHE B 299 16.44 -1.10 -2.96
CA PHE B 299 16.02 -2.41 -2.48
C PHE B 299 16.98 -3.37 -3.15
N PRO B 300 18.03 -3.78 -2.40
CA PRO B 300 19.05 -4.67 -2.96
C PRO B 300 18.43 -5.97 -3.50
N VAL B 301 18.95 -6.48 -4.63
CA VAL B 301 18.53 -7.81 -5.06
C VAL B 301 19.60 -8.88 -4.77
N GLN B 302 19.17 -9.97 -4.16
CA GLN B 302 20.04 -11.09 -3.84
C GLN B 302 20.46 -11.77 -5.12
N LYS B 303 21.75 -11.69 -5.43
CA LYS B 303 22.28 -12.09 -6.73
C LYS B 303 22.02 -13.56 -7.06
N LEU B 304 22.06 -13.87 -8.34
CA LEU B 304 21.93 -15.24 -8.84
C LEU B 304 23.16 -15.61 -9.63
N ALA B 305 23.82 -16.69 -9.21
CA ALA B 305 24.87 -17.34 -9.99
C ALA B 305 24.23 -17.82 -11.30
N PRO B 306 24.83 -17.50 -12.47
CA PRO B 306 24.25 -17.89 -13.78
C PRO B 306 23.87 -19.38 -13.84
N GLU B 307 24.47 -20.19 -12.96
CA GLU B 307 24.12 -21.61 -12.75
C GLU B 307 22.60 -21.83 -12.62
N GLN B 308 21.91 -20.95 -11.91
CA GLN B 308 20.46 -21.05 -11.67
C GLN B 308 19.63 -20.06 -12.51
N MET B 309 20.29 -19.41 -13.47
CA MET B 309 19.69 -18.44 -14.37
C MET B 309 19.09 -19.16 -15.58
N VAL B 310 17.88 -19.68 -15.46
CA VAL B 310 17.27 -20.42 -16.58
C VAL B 310 16.89 -19.50 -17.76
N ASP B 311 16.05 -18.49 -17.52
CA ASP B 311 15.83 -17.42 -18.53
C ASP B 311 15.75 -16.01 -17.93
N THR B 312 16.42 -15.05 -18.56
CA THR B 312 16.29 -13.64 -18.20
C THR B 312 14.96 -13.09 -18.75
N ASN B 313 14.32 -13.85 -19.66
CA ASN B 313 13.12 -13.39 -20.35
C ASN B 313 11.94 -13.04 -19.44
N GLY B 314 11.51 -11.78 -19.50
CA GLY B 314 10.34 -11.32 -18.74
C GLY B 314 10.54 -11.03 -17.26
N ALA B 315 11.80 -10.98 -16.79
CA ALA B 315 12.07 -10.70 -15.37
C ALA B 315 11.46 -9.38 -14.90
N GLY B 316 11.56 -8.33 -15.72
CA GLY B 316 11.01 -7.03 -15.40
C GLY B 316 9.49 -7.02 -15.39
N ASP B 317 8.89 -7.84 -16.27
CA ASP B 317 7.44 -7.99 -16.32
C ASP B 317 6.98 -8.78 -15.09
N ALA B 318 7.74 -9.80 -14.70
CA ALA B 318 7.46 -10.51 -13.46
C ALA B 318 7.56 -9.55 -12.27
N PHE B 319 8.54 -8.64 -12.31
CA PHE B 319 8.72 -7.69 -11.21
C PHE B 319 7.42 -6.90 -10.99
N VAL B 320 6.88 -6.33 -12.07
CA VAL B 320 5.64 -5.59 -11.99
C VAL B 320 4.48 -6.47 -11.48
N GLY B 321 4.50 -7.75 -11.87
CA GLY B 321 3.46 -8.72 -11.47
C GLY B 321 3.43 -8.86 -9.97
N GLY B 322 4.59 -9.04 -9.36
CA GLY B 322 4.73 -9.16 -7.89
C GLY B 322 4.34 -7.87 -7.18
N PHE B 323 4.80 -6.73 -7.71
CA PHE B 323 4.39 -5.44 -7.24
C PHE B 323 2.86 -5.31 -7.23
N LEU B 324 2.22 -5.70 -8.34
CA LEU B 324 0.77 -5.49 -8.46
C LEU B 324 -0.03 -6.41 -7.56
N ALA B 325 0.46 -7.62 -7.33
CA ALA B 325 -0.18 -8.58 -6.46
C ALA B 325 -0.29 -8.02 -5.02
N GLN B 326 0.73 -7.27 -4.60
CA GLN B 326 0.75 -6.70 -3.26
C GLN B 326 0.00 -5.41 -3.22
N LEU B 327 0.11 -4.62 -4.28
CA LEU B 327 -0.64 -3.36 -4.38
C LEU B 327 -2.16 -3.55 -4.26
N LEU B 328 -2.68 -4.60 -4.90
CA LEU B 328 -4.12 -4.91 -4.88
C LEU B 328 -4.57 -5.37 -3.47
N GLN B 329 -3.64 -5.81 -2.66
CA GLN B 329 -3.95 -6.18 -1.28
C GLN B 329 -3.59 -5.08 -0.30
N SER B 330 -3.46 -3.85 -0.81
CA SER B 330 -3.21 -2.66 0.02
C SER B 330 -1.93 -2.68 0.86
N ARG B 331 -0.93 -3.44 0.42
CA ARG B 331 0.35 -3.49 1.12
C ARG B 331 1.12 -2.18 0.87
N THR B 332 2.09 -1.86 1.72
CA THR B 332 2.95 -0.68 1.50
C THR B 332 3.90 -0.92 0.34
N VAL B 333 4.53 0.16 -0.13
CA VAL B 333 5.35 0.17 -1.35
C VAL B 333 6.60 -0.68 -1.21
N ASP B 334 7.17 -0.74 -0.01
CA ASP B 334 8.32 -1.61 0.26
C ASP B 334 7.96 -3.09 0.10
N VAL B 335 6.79 -3.50 0.56
CA VAL B 335 6.30 -4.89 0.42
C VAL B 335 5.98 -5.21 -1.09
N CYS B 336 5.43 -4.24 -1.79
CA CYS B 336 5.14 -4.39 -3.23
C CYS B 336 6.45 -4.62 -3.99
N ILE B 337 7.44 -3.76 -3.72
CA ILE B 337 8.76 -3.91 -4.39
C ILE B 337 9.46 -5.20 -4.03
N LYS B 338 9.44 -5.53 -2.75
CA LYS B 338 10.06 -6.79 -2.29
C LYS B 338 9.40 -8.00 -2.93
N CYS B 339 8.07 -7.96 -3.09
CA CYS B 339 7.38 -9.05 -3.80
C CYS B 339 7.76 -9.10 -5.27
N GLY B 340 7.89 -7.93 -5.90
CA GLY B 340 8.34 -7.87 -7.29
C GLY B 340 9.71 -8.51 -7.52
N ILE B 341 10.65 -8.22 -6.63
CA ILE B 341 12.00 -8.81 -6.65
C ILE B 341 11.95 -10.32 -6.45
N TRP B 342 11.20 -10.75 -5.44
CA TRP B 342 10.94 -12.18 -5.22
C TRP B 342 10.37 -12.85 -6.48
N ALA B 343 9.31 -12.27 -7.05
CA ALA B 343 8.67 -12.82 -8.26
C ALA B 343 9.61 -12.88 -9.47
N ALA B 344 10.33 -11.79 -9.72
CA ALA B 344 11.38 -11.79 -10.77
C ALA B 344 12.41 -12.92 -10.60
N ARG B 345 12.86 -13.14 -9.37
CA ARG B 345 13.85 -14.19 -9.06
C ARG B 345 13.34 -15.62 -9.23
N GLU B 346 12.06 -15.85 -8.90
CA GLU B 346 11.37 -17.11 -9.22
C GLU B 346 11.33 -17.40 -10.70
N ILE B 347 10.88 -16.42 -11.48
CA ILE B 347 10.77 -16.55 -12.93
C ILE B 347 12.11 -16.76 -13.62
N ILE B 348 13.14 -16.07 -13.15
CA ILE B 348 14.49 -16.26 -13.69
C ILE B 348 14.95 -17.70 -13.44
N GLN B 349 14.64 -18.21 -12.24
CA GLN B 349 14.95 -19.59 -11.87
C GLN B 349 14.13 -20.56 -12.67
N ARG B 350 12.92 -20.80 -12.19
CA ARG B 350 12.18 -21.96 -12.58
C ARG B 350 11.39 -21.79 -13.88
N SER B 351 11.71 -20.74 -14.63
CA SER B 351 11.11 -20.44 -15.93
C SER B 351 9.54 -20.50 -15.91
N GLY B 352 8.95 -21.16 -16.91
CA GLY B 352 7.49 -21.26 -17.04
C GLY B 352 6.83 -22.24 -16.09
N CYS B 353 7.62 -23.11 -15.44
CA CYS B 353 7.05 -24.08 -14.51
C CYS B 353 6.88 -23.54 -13.08
N THR B 354 7.44 -22.37 -12.77
CA THR B 354 7.12 -21.72 -11.50
C THR B 354 5.61 -21.58 -11.34
N PHE B 355 4.93 -21.43 -12.48
CA PHE B 355 3.47 -21.37 -12.52
C PHE B 355 2.79 -22.72 -12.20
N GLU B 356 3.48 -23.82 -12.52
CA GLU B 356 2.99 -25.16 -12.18
C GLU B 356 2.99 -25.37 -10.66
N GLY B 357 3.78 -24.54 -9.96
CA GLY B 357 3.85 -24.57 -8.51
C GLY B 357 3.04 -23.47 -7.83
N GLU B 358 2.93 -23.58 -6.50
CA GLU B 358 2.25 -22.58 -5.68
C GLU B 358 3.21 -21.48 -5.22
N PRO B 359 2.71 -20.23 -5.10
CA PRO B 359 3.58 -19.12 -4.68
C PRO B 359 3.91 -19.20 -3.19
N SER B 360 5.18 -19.02 -2.85
CA SER B 360 5.66 -19.15 -1.47
C SER B 360 6.08 -17.83 -0.81
N PHE B 361 5.70 -16.70 -1.41
CA PHE B 361 6.01 -15.37 -0.85
C PHE B 361 5.16 -15.10 0.38
N LEU C 21 -48.96 -22.57 8.67
CA LEU C 21 -47.95 -21.57 9.15
C LEU C 21 -47.47 -21.88 10.56
N ARG C 22 -46.20 -21.59 10.82
CA ARG C 22 -45.62 -21.70 12.18
C ARG C 22 -44.46 -20.71 12.34
N ASP C 23 -43.94 -20.61 13.56
CA ASP C 23 -42.83 -19.72 13.87
C ASP C 23 -41.55 -20.15 13.19
N GLY C 24 -40.86 -19.19 12.57
CA GLY C 24 -39.56 -19.44 11.98
C GLY C 24 -39.49 -20.40 10.81
N MET C 25 -40.50 -20.38 9.94
CA MET C 25 -40.48 -21.18 8.71
C MET C 25 -39.38 -20.70 7.75
N LEU C 26 -39.17 -19.39 7.73
CA LEU C 26 -38.32 -18.71 6.75
C LEU C 26 -37.18 -17.98 7.46
N VAL C 27 -35.96 -18.32 7.07
CA VAL C 27 -34.76 -17.60 7.51
C VAL C 27 -34.22 -16.72 6.35
N GLY C 28 -34.00 -15.44 6.61
CA GLY C 28 -33.32 -14.53 5.66
C GLY C 28 -31.95 -14.12 6.18
N LEU C 29 -30.96 -13.99 5.28
CA LEU C 29 -29.63 -13.45 5.64
C LEU C 29 -29.37 -12.25 4.75
N GLY C 30 -28.99 -11.13 5.34
CA GLY C 30 -28.71 -9.94 4.52
C GLY C 30 -28.05 -8.80 5.27
N ASN C 31 -28.03 -7.64 4.62
CA ASN C 31 -27.42 -6.42 5.14
C ASN C 31 -28.57 -5.53 5.56
N PRO C 32 -28.76 -5.31 6.87
CA PRO C 32 -29.77 -4.38 7.38
C PRO C 32 -29.25 -2.95 7.25
N LEU C 33 -29.87 -2.14 6.39
CA LEU C 33 -29.31 -0.82 6.02
C LEU C 33 -30.40 0.22 6.21
N LEU C 34 -30.03 1.41 6.67
CA LEU C 34 -30.97 2.52 6.69
C LEU C 34 -30.80 3.31 5.42
N ASP C 35 -31.84 3.34 4.59
CA ASP C 35 -31.82 4.12 3.39
C ASP C 35 -31.89 5.60 3.73
N ILE C 36 -31.05 6.37 3.07
CA ILE C 36 -31.08 7.81 3.15
C ILE C 36 -31.45 8.27 1.75
N SER C 37 -32.71 8.66 1.56
CA SER C 37 -33.20 8.90 0.17
C SER C 37 -33.63 10.34 -0.09
N ALA C 38 -33.14 10.87 -1.21
CA ALA C 38 -33.34 12.27 -1.57
C ALA C 38 -33.43 12.46 -3.09
N VAL C 39 -34.20 13.46 -3.51
CA VAL C 39 -34.18 13.92 -4.91
C VAL C 39 -32.99 14.83 -5.09
N VAL C 40 -32.14 14.52 -6.08
CA VAL C 40 -30.93 15.30 -6.35
C VAL C 40 -30.80 15.72 -7.82
N GLU C 41 -29.81 16.57 -8.09
CA GLU C 41 -29.48 16.99 -9.45
C GLU C 41 -28.34 16.15 -9.98
N LYS C 42 -28.30 15.98 -11.29
CA LYS C 42 -27.21 15.25 -11.95
C LYS C 42 -25.80 15.68 -11.49
N ASP C 43 -25.64 16.95 -11.13
CA ASP C 43 -24.36 17.44 -10.62
C ASP C 43 -23.90 16.79 -9.29
N LEU C 44 -24.84 16.40 -8.43
CA LEU C 44 -24.49 15.67 -7.21
C LEU C 44 -23.86 14.32 -7.54
N LEU C 45 -24.53 13.58 -8.43
CA LEU C 45 -23.98 12.34 -8.98
C LEU C 45 -22.56 12.57 -9.49
N ASN C 46 -22.40 13.60 -10.33
CA ASN C 46 -21.09 14.00 -10.86
C ASN C 46 -20.06 14.18 -9.77
N LYS C 47 -20.41 14.93 -8.73
CA LYS C 47 -19.51 15.20 -7.60
C LYS C 47 -18.92 13.94 -6.97
N TYR C 48 -19.72 12.88 -6.87
CA TYR C 48 -19.25 11.64 -6.22
C TYR C 48 -18.95 10.49 -7.19
N ASP C 49 -18.53 10.84 -8.41
CA ASP C 49 -18.18 9.89 -9.47
C ASP C 49 -19.23 8.75 -9.59
N MET C 50 -20.51 9.12 -9.51
CA MET C 50 -21.59 8.12 -9.54
C MET C 50 -22.34 8.17 -10.86
N GLN C 51 -22.82 7.01 -11.29
CA GLN C 51 -23.55 6.91 -12.56
C GLN C 51 -25.06 6.91 -12.34
N PRO C 52 -25.80 7.59 -13.24
CA PRO C 52 -27.27 7.46 -13.25
C PRO C 52 -27.75 6.00 -13.23
N ASN C 53 -28.89 5.76 -12.59
CA ASN C 53 -29.48 4.43 -12.55
C ASN C 53 -28.47 3.31 -12.33
N ASN C 54 -27.91 3.25 -11.13
CA ASN C 54 -26.87 2.26 -10.79
C ASN C 54 -26.91 1.84 -9.31
N ALA C 55 -26.19 0.76 -8.97
CA ALA C 55 -25.98 0.39 -7.57
C ALA C 55 -24.51 0.05 -7.33
N ILE C 56 -23.89 0.76 -6.39
CA ILE C 56 -22.47 0.59 -6.04
C ILE C 56 -22.25 0.39 -4.55
N LEU C 57 -21.05 -0.06 -4.22
CA LEU C 57 -20.58 -0.12 -2.85
C LEU C 57 -19.77 1.16 -2.59
N ALA C 58 -19.97 1.78 -1.44
CA ALA C 58 -19.24 3.01 -1.07
C ALA C 58 -17.74 2.76 -0.88
N GLU C 59 -16.92 3.70 -1.36
CA GLU C 59 -15.52 3.78 -0.96
C GLU C 59 -15.32 5.06 -0.15
N GLU C 60 -14.07 5.38 0.19
CA GLU C 60 -13.79 6.58 1.00
C GLU C 60 -14.40 7.87 0.42
N LYS C 61 -14.33 8.02 -0.89
CA LYS C 61 -14.70 9.27 -1.56
C LYS C 61 -16.20 9.59 -1.52
N HIS C 62 -17.02 8.57 -1.21
CA HIS C 62 -18.49 8.72 -1.12
C HIS C 62 -18.99 9.07 0.28
N MET C 63 -18.15 8.87 1.28
CA MET C 63 -18.55 9.14 2.68
C MET C 63 -19.12 10.55 2.97
N PRO C 64 -18.54 11.64 2.39
CA PRO C 64 -19.16 12.97 2.66
C PRO C 64 -20.60 13.09 2.17
N MET C 65 -20.94 12.35 1.10
CA MET C 65 -22.27 12.41 0.51
C MET C 65 -23.40 12.19 1.50
N TYR C 66 -23.19 11.29 2.46
CA TYR C 66 -24.25 10.93 3.40
C TYR C 66 -24.66 12.15 4.24
N GLN C 67 -23.65 12.85 4.80
CA GLN C 67 -23.92 14.06 5.57
C GLN C 67 -24.55 15.12 4.66
N GLU C 68 -24.05 15.22 3.43
CA GLU C 68 -24.61 16.15 2.46
C GLU C 68 -26.09 15.93 2.19
N LEU C 69 -26.51 14.67 2.01
CA LEU C 69 -27.91 14.32 1.74
C LEU C 69 -28.84 14.66 2.89
N ILE C 70 -28.37 14.39 4.11
CA ILE C 70 -29.15 14.61 5.32
C ILE C 70 -29.35 16.11 5.54
N GLU C 71 -28.27 16.89 5.37
CA GLU C 71 -28.31 18.33 5.65
C GLU C 71 -28.76 19.23 4.49
N LYS C 72 -28.07 19.16 3.35
CA LYS C 72 -28.40 20.01 2.21
C LYS C 72 -29.62 19.54 1.38
N TYR C 73 -29.95 18.25 1.45
CA TYR C 73 -31.02 17.73 0.61
C TYR C 73 -32.22 17.26 1.40
N GLN C 74 -32.20 17.53 2.71
CA GLN C 74 -33.29 17.12 3.57
C GLN C 74 -33.66 15.64 3.37
N ALA C 75 -32.66 14.77 3.21
CA ALA C 75 -32.96 13.38 2.90
C ALA C 75 -33.80 12.73 3.98
N GLU C 76 -34.57 11.73 3.57
CA GLU C 76 -35.48 10.99 4.43
C GLU C 76 -34.88 9.61 4.80
N TYR C 77 -35.08 9.17 6.05
CA TYR C 77 -34.61 7.88 6.54
C TYR C 77 -35.70 6.85 6.34
N ILE C 78 -35.39 5.74 5.67
CA ILE C 78 -36.35 4.66 5.48
C ILE C 78 -35.66 3.32 5.75
N ALA C 79 -36.30 2.47 6.54
CA ALA C 79 -35.70 1.16 6.80
C ALA C 79 -35.51 0.43 5.46
N GLY C 80 -34.32 -0.17 5.28
CA GLY C 80 -33.94 -0.77 4.00
C GLY C 80 -33.08 -2.02 4.12
N GLY C 81 -32.24 -2.26 3.10
CA GLY C 81 -31.59 -3.55 2.92
C GLY C 81 -32.54 -4.50 2.21
N SER C 82 -32.07 -5.15 1.16
CA SER C 82 -32.94 -5.91 0.28
C SER C 82 -33.71 -7.05 0.99
N VAL C 83 -33.02 -7.98 1.64
CA VAL C 83 -33.62 -9.11 2.30
C VAL C 83 -34.58 -8.65 3.41
N GLN C 84 -34.14 -7.67 4.22
CA GLN C 84 -35.02 -7.08 5.22
C GLN C 84 -36.32 -6.47 4.63
N ASN C 85 -36.22 -5.75 3.53
CA ASN C 85 -37.38 -5.23 2.80
C ASN C 85 -38.34 -6.39 2.42
N SER C 86 -37.78 -7.42 1.78
CA SER C 86 -38.58 -8.59 1.37
C SER C 86 -39.28 -9.28 2.55
N LEU C 87 -38.55 -9.57 3.63
CA LEU C 87 -39.13 -10.23 4.82
C LEU C 87 -40.26 -9.43 5.52
N ARG C 88 -40.13 -8.11 5.47
CA ARG C 88 -41.08 -7.17 6.06
C ARG C 88 -42.38 -7.15 5.25
N VAL C 89 -42.23 -7.08 3.92
CA VAL C 89 -43.38 -7.15 3.00
C VAL C 89 -44.06 -8.52 3.17
N ALA C 90 -43.27 -9.59 3.17
CA ALA C 90 -43.79 -10.92 3.46
C ALA C 90 -44.64 -10.94 4.72
N GLN C 91 -44.02 -10.60 5.87
CA GLN C 91 -44.69 -10.62 7.18
C GLN C 91 -45.99 -9.79 7.21
N TRP C 92 -45.91 -8.61 6.59
CA TRP C 92 -47.04 -7.73 6.47
C TRP C 92 -48.24 -8.39 5.79
N ILE C 93 -47.99 -9.06 4.67
CA ILE C 93 -49.02 -9.87 4.00
C ILE C 93 -49.48 -11.02 4.91
N LEU C 94 -48.54 -11.76 5.49
CA LEU C 94 -48.88 -12.91 6.33
C LEU C 94 -49.70 -12.58 7.60
N GLN C 95 -49.65 -11.33 8.05
CA GLN C 95 -50.27 -10.90 9.31
C GLN C 95 -50.16 -12.00 10.34
N ARG C 96 -48.93 -12.46 10.58
CA ARG C 96 -48.63 -13.45 11.60
C ARG C 96 -47.14 -13.34 12.03
N PRO C 97 -46.89 -12.58 13.12
CA PRO C 97 -45.55 -12.26 13.64
C PRO C 97 -44.65 -13.46 13.85
N ARG C 98 -43.37 -13.30 13.48
CA ARG C 98 -42.32 -14.26 13.83
C ARG C 98 -42.28 -15.54 12.97
N THR C 99 -43.01 -15.51 11.86
CA THR C 99 -42.94 -16.54 10.85
C THR C 99 -41.60 -16.48 10.07
N ALA C 100 -41.09 -15.26 9.83
CA ALA C 100 -39.80 -15.02 9.16
C ALA C 100 -38.73 -14.51 10.15
N ILE C 101 -37.52 -15.06 10.07
CA ILE C 101 -36.41 -14.67 10.94
C ILE C 101 -35.33 -14.01 10.08
N PHE C 102 -34.89 -12.80 10.48
CA PHE C 102 -33.81 -12.08 9.78
C PHE C 102 -32.47 -12.06 10.52
N PHE C 103 -31.38 -12.47 9.84
CA PHE C 103 -30.01 -12.40 10.37
C PHE C 103 -29.18 -11.38 9.61
N GLY C 104 -28.47 -10.55 10.37
CA GLY C 104 -27.64 -9.53 9.77
C GLY C 104 -27.00 -8.76 10.89
N CYS C 105 -26.04 -7.90 10.54
CA CYS C 105 -25.29 -7.20 11.58
C CYS C 105 -25.53 -5.68 11.48
N VAL C 106 -25.90 -5.09 12.63
CA VAL C 106 -26.14 -3.65 12.81
C VAL C 106 -25.17 -3.07 13.86
N GLY C 107 -25.07 -1.75 13.92
CA GLY C 107 -24.26 -1.07 14.95
C GLY C 107 -25.05 -0.94 16.24
N GLN C 108 -24.45 -0.31 17.23
CA GLN C 108 -25.16 -0.08 18.48
C GLN C 108 -25.47 1.40 18.56
N ASP C 109 -26.57 1.79 17.89
CA ASP C 109 -26.80 3.19 17.58
C ASP C 109 -28.23 3.59 17.25
N GLU C 110 -28.40 4.86 16.95
CA GLU C 110 -29.68 5.42 16.61
C GLU C 110 -30.25 4.73 15.34
N TYR C 111 -29.40 4.53 14.33
CA TYR C 111 -29.84 3.89 13.06
C TYR C 111 -30.38 2.44 13.29
N ALA C 112 -29.72 1.69 14.16
CA ALA C 112 -30.09 0.30 14.47
C ALA C 112 -31.46 0.22 15.14
N ARG C 113 -31.76 1.22 15.97
CA ARG C 113 -33.06 1.32 16.66
C ARG C 113 -34.20 1.55 15.65
N ILE C 114 -33.96 2.42 14.68
CA ILE C 114 -34.90 2.64 13.59
C ILE C 114 -35.20 1.33 12.84
N LEU C 115 -34.15 0.58 12.48
CA LEU C 115 -34.31 -0.66 11.71
C LEU C 115 -35.02 -1.73 12.54
N GLU C 116 -34.58 -1.83 13.79
CA GLU C 116 -35.09 -2.76 14.76
C GLU C 116 -36.57 -2.52 14.96
N GLU C 117 -36.92 -1.25 15.12
CA GLU C 117 -38.30 -0.87 15.35
C GLU C 117 -39.19 -1.17 14.16
N ARG C 118 -38.82 -0.72 12.96
CA ARG C 118 -39.64 -0.98 11.76
C ARG C 118 -39.79 -2.46 11.40
N ALA C 119 -38.69 -3.23 11.46
CA ALA C 119 -38.74 -4.65 11.12
C ALA C 119 -39.63 -5.41 12.11
N THR C 120 -39.42 -5.15 13.39
CA THR C 120 -40.16 -5.79 14.49
C THR C 120 -41.64 -5.46 14.42
N SER C 121 -41.99 -4.22 14.10
CA SER C 121 -43.40 -3.83 14.06
C SER C 121 -44.15 -4.46 12.87
N ASN C 122 -43.43 -4.79 11.80
CA ASN C 122 -44.01 -5.53 10.68
C ASN C 122 -44.19 -7.00 10.97
N GLY C 123 -43.61 -7.48 12.06
CA GLY C 123 -43.75 -8.90 12.40
C GLY C 123 -42.53 -9.78 12.14
N VAL C 124 -41.42 -9.19 11.71
CA VAL C 124 -40.14 -9.94 11.60
C VAL C 124 -39.54 -10.30 12.98
N ASN C 125 -39.18 -11.56 13.17
CA ASN C 125 -38.28 -11.94 14.23
C ASN C 125 -36.81 -11.57 13.84
N VAL C 126 -36.42 -10.38 14.29
CA VAL C 126 -35.12 -9.76 14.03
C VAL C 126 -34.07 -10.35 15.00
N GLN C 127 -33.05 -11.02 14.43
CA GLN C 127 -31.97 -11.60 15.21
C GLN C 127 -30.64 -10.95 14.77
N TYR C 128 -30.49 -9.67 15.07
CA TYR C 128 -29.29 -8.93 14.63
C TYR C 128 -28.07 -9.32 15.45
N GLN C 129 -26.95 -9.55 14.77
CA GLN C 129 -25.64 -9.44 15.41
C GLN C 129 -25.38 -7.94 15.64
N ARG C 130 -24.66 -7.65 16.72
CA ARG C 130 -24.30 -6.29 17.12
C ARG C 130 -22.83 -6.00 16.95
N SER C 131 -22.51 -4.89 16.33
CA SER C 131 -21.14 -4.43 16.26
C SER C 131 -21.00 -3.20 17.18
N ALA C 132 -20.01 -3.17 18.06
CA ALA C 132 -19.77 -1.95 18.86
C ALA C 132 -18.73 -1.02 18.19
N THR C 133 -17.95 -1.59 17.26
CA THR C 133 -16.91 -0.86 16.54
C THR C 133 -17.33 -0.14 15.25
N SER C 134 -18.37 -0.62 14.56
CA SER C 134 -18.91 0.10 13.40
C SER C 134 -20.34 0.56 13.67
N PRO C 135 -20.73 1.69 13.07
CA PRO C 135 -22.10 2.17 13.03
C PRO C 135 -22.97 1.34 12.05
N THR C 136 -24.28 1.29 12.28
CA THR C 136 -25.23 0.72 11.31
C THR C 136 -25.02 1.22 9.86
N GLY C 137 -25.02 0.28 8.91
CA GLY C 137 -24.88 0.61 7.49
C GLY C 137 -26.01 1.45 6.92
N THR C 138 -25.71 2.17 5.85
CA THR C 138 -26.71 3.00 5.17
C THR C 138 -26.66 2.75 3.65
N CYS C 139 -27.76 3.05 2.98
CA CYS C 139 -27.78 3.10 1.52
C CYS C 139 -28.31 4.45 1.08
N ALA C 140 -27.47 5.21 0.36
CA ALA C 140 -27.89 6.45 -0.27
C ALA C 140 -28.77 6.14 -1.47
N VAL C 141 -29.99 6.66 -1.44
CA VAL C 141 -30.93 6.48 -2.55
C VAL C 141 -31.12 7.84 -3.24
N LEU C 142 -30.43 8.01 -4.38
CA LEU C 142 -30.46 9.28 -5.11
C LEU C 142 -31.49 9.18 -6.24
N VAL C 143 -32.60 9.88 -6.06
CA VAL C 143 -33.62 9.94 -7.07
C VAL C 143 -33.41 11.21 -7.89
N THR C 144 -33.27 11.02 -9.19
CA THR C 144 -32.91 12.12 -10.07
C THR C 144 -33.66 11.95 -11.39
N GLY C 145 -34.66 12.81 -11.59
CA GLY C 145 -35.59 12.64 -12.69
C GLY C 145 -36.40 11.44 -12.27
N THR C 146 -36.53 10.47 -13.17
CA THR C 146 -37.26 9.24 -12.82
C THR C 146 -36.30 8.12 -12.43
N GLN C 147 -35.00 8.39 -12.54
CA GLN C 147 -33.99 7.36 -12.28
C GLN C 147 -33.43 7.39 -10.85
N ARG C 148 -32.94 6.23 -10.41
CA ARG C 148 -32.46 6.01 -9.04
C ARG C 148 -31.06 5.43 -9.05
N SER C 149 -30.16 6.08 -8.31
CA SER C 149 -28.77 5.65 -8.20
C SER C 149 -28.49 5.34 -6.72
N LEU C 150 -27.86 4.19 -6.45
CA LEU C 150 -27.68 3.68 -5.10
C LEU C 150 -26.21 3.55 -4.69
N CYS C 151 -25.91 3.95 -3.45
CA CYS C 151 -24.58 3.81 -2.89
C CYS C 151 -24.65 3.22 -1.49
N ALA C 152 -24.29 1.95 -1.37
CA ALA C 152 -24.40 1.28 -0.08
C ALA C 152 -23.09 1.36 0.73
N ASN C 153 -23.21 1.90 1.93
CA ASN C 153 -22.10 1.92 2.87
C ASN C 153 -22.37 0.85 3.92
N LEU C 154 -21.84 -0.34 3.74
CA LEU C 154 -22.25 -1.49 4.58
C LEU C 154 -21.95 -1.33 6.08
N ALA C 155 -20.78 -0.75 6.36
CA ALA C 155 -20.31 -0.51 7.74
C ALA C 155 -20.51 -1.74 8.61
N ALA C 156 -21.35 -1.64 9.66
CA ALA C 156 -21.58 -2.77 10.56
C ALA C 156 -22.18 -4.01 9.88
N ALA C 157 -22.87 -3.85 8.74
CA ALA C 157 -23.35 -5.03 7.99
C ALA C 157 -22.18 -5.99 7.63
N ASN C 158 -21.04 -5.37 7.35
CA ASN C 158 -19.79 -6.06 7.12
C ASN C 158 -19.13 -6.72 8.33
N ASP C 159 -19.64 -6.48 9.53
CA ASP C 159 -19.08 -7.13 10.71
C ASP C 159 -19.77 -8.46 11.02
N PHE C 160 -20.74 -8.85 10.19
CA PHE C 160 -21.39 -10.17 10.35
C PHE C 160 -20.36 -11.30 10.37
N THR C 161 -20.50 -12.26 11.28
CA THR C 161 -19.64 -13.44 11.24
C THR C 161 -20.46 -14.72 11.30
N PRO C 162 -19.91 -15.83 10.74
CA PRO C 162 -20.58 -17.12 10.80
C PRO C 162 -20.90 -17.55 12.22
N GLU C 163 -20.08 -17.16 13.21
CA GLU C 163 -20.27 -17.65 14.59
C GLU C 163 -21.60 -17.17 15.13
N HIS C 164 -22.07 -16.03 14.64
CA HIS C 164 -23.36 -15.55 15.05
C HIS C 164 -24.43 -16.63 14.88
N LEU C 165 -24.30 -17.41 13.81
CA LEU C 165 -25.28 -18.41 13.43
C LEU C 165 -25.12 -19.72 14.23
N ARG C 166 -24.02 -19.81 14.98
CA ARG C 166 -23.68 -21.03 15.71
C ARG C 166 -23.96 -20.98 17.22
N SER C 167 -24.57 -19.88 17.66
CA SER C 167 -25.15 -19.85 19.00
C SER C 167 -26.27 -20.89 19.11
N ASP C 168 -26.59 -21.30 20.33
CA ASP C 168 -27.70 -22.23 20.55
C ASP C 168 -29.04 -21.74 20.01
N GLY C 169 -29.37 -20.49 20.28
CA GLY C 169 -30.65 -19.94 19.82
C GLY C 169 -30.68 -19.95 18.30
N ASN C 170 -29.60 -19.47 17.70
CA ASN C 170 -29.54 -19.34 16.25
C ASN C 170 -29.40 -20.63 15.47
N ARG C 171 -28.63 -21.58 16.02
CA ARG C 171 -28.54 -22.87 15.35
C ARG C 171 -29.87 -23.61 15.37
N ALA C 172 -30.68 -23.44 16.43
CA ALA C 172 -32.03 -24.03 16.48
C ALA C 172 -32.98 -23.34 15.49
N TYR C 173 -32.83 -22.01 15.36
CA TYR C 173 -33.57 -21.27 14.33
C TYR C 173 -33.31 -21.79 12.90
N LEU C 174 -32.05 -22.13 12.59
CA LEU C 174 -31.68 -22.66 11.28
C LEU C 174 -32.22 -24.09 11.10
N GLN C 175 -32.03 -24.94 12.11
CA GLN C 175 -32.55 -26.32 12.08
C GLN C 175 -34.06 -26.33 11.92
N GLY C 176 -34.74 -25.36 12.51
CA GLY C 176 -36.19 -25.32 12.45
C GLY C 176 -36.85 -24.66 11.26
N ALA C 177 -36.06 -24.10 10.33
CA ALA C 177 -36.65 -23.41 9.18
C ALA C 177 -36.90 -24.36 7.99
N GLN C 178 -37.80 -23.98 7.10
CA GLN C 178 -38.03 -24.77 5.89
C GLN C 178 -37.54 -24.06 4.63
N PHE C 179 -37.47 -22.73 4.72
CA PHE C 179 -37.12 -21.90 3.56
C PHE C 179 -35.97 -20.93 3.95
N PHE C 180 -35.05 -20.72 3.02
CA PHE C 180 -33.93 -19.80 3.22
C PHE C 180 -33.82 -18.83 2.06
N TYR C 181 -33.58 -17.57 2.36
CA TYR C 181 -33.43 -16.57 1.33
C TYR C 181 -32.21 -15.68 1.64
N VAL C 182 -31.34 -15.52 0.65
CA VAL C 182 -30.12 -14.72 0.79
C VAL C 182 -29.98 -13.82 -0.43
N SER C 183 -29.60 -12.56 -0.22
CA SER C 183 -29.31 -11.68 -1.34
C SER C 183 -27.89 -11.89 -1.87
N GLY C 184 -27.68 -11.61 -3.16
CA GLY C 184 -26.33 -11.51 -3.70
C GLY C 184 -25.54 -10.42 -2.96
N PHE C 185 -26.22 -9.36 -2.53
CA PHE C 185 -25.62 -8.31 -1.70
C PHE C 185 -24.85 -8.90 -0.49
N PHE C 186 -25.42 -9.93 0.11
CA PHE C 186 -24.82 -10.53 1.32
C PHE C 186 -23.44 -11.15 1.05
N PHE C 187 -23.15 -11.48 -0.22
CA PHE C 187 -21.88 -12.11 -0.61
C PHE C 187 -20.71 -11.19 -0.31
N THR C 188 -20.91 -9.87 -0.45
CA THR C 188 -19.89 -8.90 -0.02
C THR C 188 -19.44 -9.13 1.42
N VAL C 189 -20.35 -9.65 2.23
CA VAL C 189 -20.21 -9.64 3.68
C VAL C 189 -19.86 -11.01 4.26
N SER C 190 -20.61 -12.04 3.87
CA SER C 190 -20.26 -13.38 4.33
C SER C 190 -20.81 -14.43 3.37
N PHE C 191 -20.14 -14.54 2.22
CA PHE C 191 -20.44 -15.60 1.25
C PHE C 191 -20.34 -16.95 1.96
N GLU C 192 -19.37 -17.05 2.88
CA GLU C 192 -19.13 -18.25 3.65
C GLU C 192 -20.39 -18.75 4.36
N SER C 193 -21.12 -17.82 4.95
CA SER C 193 -22.35 -18.10 5.68
C SER C 193 -23.43 -18.53 4.69
N ALA C 194 -23.49 -17.82 3.57
CA ALA C 194 -24.46 -18.10 2.53
C ALA C 194 -24.30 -19.52 2.02
N LEU C 195 -23.07 -19.87 1.66
CA LEU C 195 -22.81 -21.16 1.08
C LEU C 195 -23.10 -22.28 2.08
N SER C 196 -22.73 -22.05 3.32
CA SER C 196 -22.88 -23.11 4.30
C SER C 196 -24.37 -23.40 4.57
N VAL C 197 -25.17 -22.35 4.64
CA VAL C 197 -26.63 -22.47 4.78
C VAL C 197 -27.23 -23.18 3.58
N ALA C 198 -26.81 -22.78 2.37
CA ALA C 198 -27.26 -23.43 1.13
C ALA C 198 -27.02 -24.94 1.10
N LYS C 199 -25.79 -25.34 1.44
CA LYS C 199 -25.41 -26.74 1.56
C LYS C 199 -26.28 -27.50 2.56
N GLU C 200 -26.42 -26.95 3.76
CA GLU C 200 -27.27 -27.55 4.78
C GLU C 200 -28.74 -27.67 4.33
N ALA C 201 -29.23 -26.68 3.57
CA ALA C 201 -30.58 -26.76 2.99
C ALA C 201 -30.71 -27.90 1.97
N ALA C 202 -29.71 -28.03 1.10
CA ALA C 202 -29.72 -29.08 0.07
C ALA C 202 -29.68 -30.46 0.69
N ALA C 203 -28.81 -30.64 1.68
CA ALA C 203 -28.59 -31.93 2.32
C ALA C 203 -29.83 -32.44 3.03
N THR C 204 -30.77 -31.53 3.33
CA THR C 204 -32.03 -31.85 4.00
C THR C 204 -33.26 -31.57 3.12
N GLY C 205 -33.03 -31.27 1.85
CA GLY C 205 -34.13 -31.04 0.89
C GLY C 205 -34.98 -29.78 1.07
N ARG C 206 -34.49 -28.84 1.87
CA ARG C 206 -35.22 -27.60 2.10
C ARG C 206 -34.86 -26.55 1.06
N MET C 207 -35.73 -25.57 0.89
CA MET C 207 -35.55 -24.64 -0.21
C MET C 207 -34.55 -23.54 0.14
N PHE C 208 -33.59 -23.36 -0.78
CA PHE C 208 -32.67 -22.22 -0.77
C PHE C 208 -32.88 -21.29 -1.98
N MET C 209 -33.01 -20.00 -1.72
CA MET C 209 -33.36 -19.03 -2.74
C MET C 209 -32.46 -17.82 -2.62
N MET C 210 -32.20 -17.16 -3.74
CA MET C 210 -31.34 -15.97 -3.69
C MET C 210 -31.69 -14.99 -4.76
N ASN C 211 -31.16 -13.78 -4.59
CA ASN C 211 -31.38 -12.69 -5.52
C ASN C 211 -30.02 -12.31 -6.12
N LEU C 212 -29.99 -12.12 -7.43
CA LEU C 212 -28.81 -11.57 -8.08
C LEU C 212 -28.43 -10.19 -7.51
N SER C 213 -29.46 -9.45 -7.04
CA SER C 213 -29.34 -8.19 -6.28
C SER C 213 -28.86 -6.98 -7.07
N ALA C 214 -27.75 -7.14 -7.80
CA ALA C 214 -27.24 -6.01 -8.58
C ALA C 214 -26.22 -6.49 -9.61
N PRO C 215 -26.01 -5.71 -10.70
CA PRO C 215 -25.01 -6.12 -11.70
C PRO C 215 -23.63 -6.40 -11.10
N PHE C 216 -23.20 -5.62 -10.10
CA PHE C 216 -21.87 -5.85 -9.49
C PHE C 216 -21.73 -7.22 -8.83
N VAL C 217 -22.83 -7.87 -8.48
CA VAL C 217 -22.71 -9.20 -7.88
C VAL C 217 -22.10 -10.22 -8.87
N PRO C 218 -22.71 -10.44 -10.05
CA PRO C 218 -21.96 -11.36 -10.94
C PRO C 218 -20.60 -10.81 -11.44
N GLN C 219 -20.49 -9.48 -11.57
CA GLN C 219 -19.23 -8.89 -11.97
C GLN C 219 -18.12 -9.11 -10.94
N PHE C 220 -18.43 -8.94 -9.66
CA PHE C 220 -17.41 -9.02 -8.61
C PHE C 220 -17.16 -10.43 -8.12
N TYR C 221 -18.22 -11.24 -8.07
CA TYR C 221 -18.18 -12.51 -7.37
C TYR C 221 -18.60 -13.70 -8.25
N LYS C 222 -18.08 -13.77 -9.48
CA LYS C 222 -18.50 -14.85 -10.38
C LYS C 222 -18.36 -16.27 -9.83
N ASN C 223 -17.16 -16.62 -9.33
CA ASN C 223 -16.94 -17.97 -8.85
CA ASN C 223 -16.89 -17.96 -8.78
C ASN C 223 -17.75 -18.30 -7.58
N ASN C 224 -17.99 -17.29 -6.74
CA ASN C 224 -18.89 -17.46 -5.59
C ASN C 224 -20.26 -17.94 -6.09
N LEU C 225 -20.74 -17.24 -7.13
CA LEU C 225 -22.02 -17.52 -7.77
C LEU C 225 -22.03 -18.94 -8.29
N GLU C 226 -20.97 -19.31 -9.01
CA GLU C 226 -20.81 -20.65 -9.54
C GLU C 226 -20.80 -21.69 -8.44
N GLU C 227 -20.08 -21.45 -7.35
CA GLU C 227 -19.99 -22.43 -6.26
C GLU C 227 -21.31 -22.63 -5.51
N ILE C 228 -22.14 -21.59 -5.44
CA ILE C 228 -23.42 -21.65 -4.70
C ILE C 228 -24.58 -22.16 -5.56
N PHE C 229 -24.51 -21.92 -6.87
CA PHE C 229 -25.64 -22.22 -7.79
C PHE C 229 -26.24 -23.61 -7.69
N PRO C 230 -25.39 -24.66 -7.54
CA PRO C 230 -25.92 -26.03 -7.36
C PRO C 230 -26.96 -26.15 -6.26
N TYR C 231 -26.87 -25.26 -5.27
CA TYR C 231 -27.73 -25.27 -4.10
C TYR C 231 -28.88 -24.28 -4.16
N VAL C 232 -29.05 -23.63 -5.31
CA VAL C 232 -30.12 -22.66 -5.44
C VAL C 232 -31.39 -23.25 -6.06
N ASP C 233 -32.50 -23.19 -5.32
CA ASP C 233 -33.79 -23.69 -5.80
C ASP C 233 -34.57 -22.65 -6.56
N VAL C 234 -34.45 -21.38 -6.14
CA VAL C 234 -34.99 -20.29 -6.92
C VAL C 234 -34.06 -19.07 -6.99
N LEU C 235 -33.89 -18.55 -8.20
CA LEU C 235 -33.06 -17.37 -8.43
C LEU C 235 -33.98 -16.25 -8.87
N PHE C 236 -33.90 -15.10 -8.20
CA PHE C 236 -34.61 -13.89 -8.60
C PHE C 236 -33.60 -12.88 -9.12
N GLY C 237 -33.96 -12.11 -10.13
CA GLY C 237 -33.11 -11.01 -10.58
C GLY C 237 -33.90 -10.16 -11.54
N ASN C 238 -33.44 -8.93 -11.79
CA ASN C 238 -34.06 -8.15 -12.84
C ASN C 238 -33.30 -8.33 -14.17
N GLU C 239 -33.81 -7.68 -15.22
CA GLU C 239 -33.27 -7.78 -16.57
C GLU C 239 -31.79 -7.41 -16.64
N THR C 240 -31.42 -6.29 -16.01
CA THR C 240 -30.05 -5.81 -15.99
C THR C 240 -29.08 -6.80 -15.29
N GLU C 241 -29.52 -7.36 -14.17
CA GLU C 241 -28.76 -8.38 -13.46
C GLU C 241 -28.58 -9.62 -14.28
N ALA C 242 -29.64 -10.08 -14.95
CA ALA C 242 -29.55 -11.31 -15.75
C ALA C 242 -28.59 -11.10 -16.92
N ILE C 243 -28.69 -9.96 -17.58
CA ILE C 243 -27.76 -9.62 -18.65
C ILE C 243 -26.33 -9.49 -18.12
N ALA C 244 -26.14 -8.86 -16.96
CA ALA C 244 -24.77 -8.76 -16.42
C ALA C 244 -24.21 -10.14 -16.12
N LEU C 245 -25.07 -11.04 -15.66
CA LEU C 245 -24.65 -12.41 -15.41
C LEU C 245 -24.24 -13.08 -16.73
N ALA C 246 -24.98 -12.77 -17.79
CA ALA C 246 -24.77 -13.35 -19.11
C ALA C 246 -23.39 -12.99 -19.61
N LYS C 247 -23.00 -11.71 -19.49
CA LYS C 247 -21.65 -11.24 -19.86
C LYS C 247 -20.54 -11.99 -19.14
N GLU C 248 -20.68 -12.18 -17.82
CA GLU C 248 -19.62 -12.82 -17.02
C GLU C 248 -19.54 -14.31 -17.23
N PHE C 249 -20.67 -14.91 -17.61
CA PHE C 249 -20.70 -16.35 -17.88
C PHE C 249 -20.44 -16.61 -19.37
N ASN C 250 -20.29 -15.53 -20.14
CA ASN C 250 -20.03 -15.56 -21.60
C ASN C 250 -21.11 -16.30 -22.37
N TYR C 251 -22.36 -15.93 -22.13
CA TYR C 251 -23.50 -16.57 -22.81
C TYR C 251 -23.73 -16.00 -24.23
N GLY C 252 -23.17 -14.83 -24.53
CA GLY C 252 -23.25 -14.23 -25.85
C GLY C 252 -24.66 -13.89 -26.29
N THR C 253 -25.48 -13.42 -25.36
CA THR C 253 -26.86 -13.04 -25.65
C THR C 253 -27.38 -12.11 -24.56
N GLU C 254 -28.34 -11.25 -24.93
CA GLU C 254 -29.04 -10.38 -23.99
C GLU C 254 -30.52 -10.76 -23.90
N ASP C 255 -30.84 -11.90 -24.50
CA ASP C 255 -32.18 -12.49 -24.52
C ASP C 255 -32.48 -13.10 -23.16
N LEU C 256 -33.42 -12.49 -22.45
CA LEU C 256 -33.74 -12.87 -21.06
C LEU C 256 -34.23 -14.29 -20.95
N ARG C 257 -35.05 -14.74 -21.90
CA ARG C 257 -35.60 -16.09 -21.83
C ARG C 257 -34.45 -17.09 -21.93
N GLU C 258 -33.59 -16.88 -22.91
CA GLU C 258 -32.39 -17.67 -23.13
C GLU C 258 -31.43 -17.70 -21.92
N ILE C 259 -31.13 -16.55 -21.34
CA ILE C 259 -30.33 -16.51 -20.12
C ILE C 259 -30.99 -17.37 -19.02
N GLY C 260 -32.27 -17.11 -18.77
CA GLY C 260 -33.04 -17.87 -17.77
C GLY C 260 -32.86 -19.36 -17.96
N LYS C 261 -33.09 -19.84 -19.19
CA LYS C 261 -32.98 -21.29 -19.47
C LYS C 261 -31.60 -21.82 -19.16
N ARG C 262 -30.53 -21.11 -19.54
CA ARG C 262 -29.16 -21.59 -19.26
C ARG C 262 -28.93 -21.68 -17.76
N ILE C 263 -29.29 -20.62 -17.03
CA ILE C 263 -29.15 -20.63 -15.56
C ILE C 263 -30.01 -21.77 -14.96
N ALA C 264 -31.25 -21.89 -15.40
CA ALA C 264 -32.14 -22.94 -14.86
C ALA C 264 -31.54 -24.30 -15.07
N ALA C 265 -30.79 -24.48 -16.15
CA ALA C 265 -30.26 -25.79 -16.53
C ALA C 265 -28.90 -26.15 -15.90
N LEU C 266 -28.32 -25.26 -15.09
CA LEU C 266 -27.06 -25.57 -14.39
C LEU C 266 -27.16 -26.81 -13.47
N PRO C 267 -26.04 -27.49 -13.20
CA PRO C 267 -26.13 -28.68 -12.36
C PRO C 267 -26.74 -28.37 -10.98
N LYS C 268 -27.40 -29.38 -10.40
CA LYS C 268 -28.16 -29.15 -9.18
C LYS C 268 -27.93 -30.27 -8.17
N GLU C 269 -27.64 -29.88 -6.93
CA GLU C 269 -27.37 -30.83 -5.87
C GLU C 269 -28.62 -31.62 -5.49
N ASN C 270 -29.71 -30.92 -5.20
CA ASN C 270 -30.99 -31.55 -4.95
C ASN C 270 -31.82 -31.67 -6.23
N GLY C 271 -31.60 -32.78 -6.94
CA GLY C 271 -32.31 -33.12 -8.18
C GLY C 271 -33.82 -33.25 -8.02
N LYS C 272 -34.28 -33.55 -6.80
CA LYS C 272 -35.72 -33.73 -6.51
C LYS C 272 -36.58 -32.50 -6.84
N ARG C 273 -35.99 -31.31 -6.76
CA ARG C 273 -36.71 -30.08 -7.07
C ARG C 273 -36.02 -29.35 -8.22
N LYS C 274 -36.78 -29.07 -9.28
CA LYS C 274 -36.25 -28.36 -10.45
C LYS C 274 -36.08 -26.88 -10.14
N ARG C 275 -34.92 -26.35 -10.50
CA ARG C 275 -34.62 -24.92 -10.28
C ARG C 275 -35.56 -24.04 -11.11
N ILE C 276 -36.02 -22.96 -10.50
CA ILE C 276 -36.74 -21.95 -11.25
C ILE C 276 -36.00 -20.63 -11.20
N VAL C 277 -36.08 -19.90 -12.30
CA VAL C 277 -35.47 -18.60 -12.40
C VAL C 277 -36.61 -17.62 -12.70
N ILE C 278 -36.67 -16.56 -11.91
CA ILE C 278 -37.69 -15.54 -12.03
C ILE C 278 -37.03 -14.19 -12.32
N ILE C 279 -37.34 -13.64 -13.49
CA ILE C 279 -36.73 -12.41 -13.95
C ILE C 279 -37.79 -11.35 -14.05
N THR C 280 -37.62 -10.27 -13.30
CA THR C 280 -38.50 -9.11 -13.35
C THR C 280 -38.00 -8.09 -14.37
N GLN C 281 -38.91 -7.28 -14.91
CA GLN C 281 -38.59 -6.29 -15.96
C GLN C 281 -39.30 -4.97 -15.75
N GLY C 282 -39.23 -4.39 -14.55
CA GLY C 282 -40.04 -3.20 -14.26
C GLY C 282 -41.48 -3.40 -14.71
N SER C 283 -41.98 -2.53 -15.59
CA SER C 283 -43.37 -2.58 -16.05
C SER C 283 -43.69 -3.70 -17.05
N ASP C 284 -42.65 -4.27 -17.65
CA ASP C 284 -42.79 -5.41 -18.56
C ASP C 284 -43.06 -6.70 -17.78
N PRO C 285 -43.47 -7.78 -18.46
CA PRO C 285 -43.96 -8.98 -17.75
C PRO C 285 -42.87 -9.75 -16.97
N VAL C 286 -43.20 -10.32 -15.81
CA VAL C 286 -42.21 -11.13 -15.09
C VAL C 286 -42.14 -12.51 -15.69
N LEU C 287 -40.92 -13.03 -15.82
CA LEU C 287 -40.67 -14.26 -16.52
C LEU C 287 -40.35 -15.36 -15.53
N LEU C 288 -40.94 -16.51 -15.78
CA LEU C 288 -40.72 -17.68 -14.97
C LEU C 288 -40.16 -18.73 -15.88
N ILE C 289 -38.93 -19.16 -15.58
CA ILE C 289 -38.24 -20.21 -16.32
C ILE C 289 -38.02 -21.41 -15.39
N GLU C 290 -38.39 -22.61 -15.85
CA GLU C 290 -38.13 -23.81 -15.06
C GLU C 290 -37.18 -24.75 -15.79
N ALA C 291 -36.25 -25.33 -15.04
CA ALA C 291 -35.34 -26.34 -15.59
C ALA C 291 -36.17 -27.45 -16.25
N GLY C 292 -35.79 -27.86 -17.45
CA GLY C 292 -36.43 -29.02 -18.08
C GLY C 292 -37.41 -28.68 -19.18
N THR C 293 -37.94 -27.46 -19.18
CA THR C 293 -38.88 -27.00 -20.21
C THR C 293 -38.38 -25.78 -20.97
N ASP C 294 -38.53 -25.79 -22.29
CA ASP C 294 -38.20 -24.66 -23.16
C ASP C 294 -39.34 -23.63 -23.19
N ASN C 295 -40.35 -23.83 -22.34
CA ASN C 295 -41.54 -22.99 -22.44
C ASN C 295 -41.69 -22.00 -21.29
N VAL C 296 -41.40 -20.72 -21.55
CA VAL C 296 -41.34 -19.72 -20.49
C VAL C 296 -42.72 -19.14 -20.17
N ARG C 297 -43.09 -19.21 -18.90
CA ARG C 297 -44.34 -18.63 -18.44
C ARG C 297 -44.13 -17.15 -18.20
N GLU C 298 -45.19 -16.38 -18.41
CA GLU C 298 -45.14 -14.92 -18.34
C GLU C 298 -46.33 -14.43 -17.56
N PHE C 299 -46.12 -13.36 -16.79
CA PHE C 299 -47.15 -12.79 -15.91
C PHE C 299 -47.15 -11.28 -16.10
N PRO C 300 -48.13 -10.75 -16.86
CA PRO C 300 -48.05 -9.32 -17.18
C PRO C 300 -48.29 -8.46 -15.94
N VAL C 301 -47.83 -7.21 -15.99
CA VAL C 301 -48.04 -6.26 -14.91
C VAL C 301 -48.80 -5.04 -15.45
N GLN C 302 -49.60 -4.40 -14.59
CA GLN C 302 -50.31 -3.17 -14.95
C GLN C 302 -49.37 -1.97 -14.84
N LYS C 303 -49.21 -1.25 -15.96
CA LYS C 303 -48.20 -0.22 -16.11
C LYS C 303 -48.43 1.01 -15.22
N LEU C 304 -47.36 1.50 -14.58
CA LEU C 304 -47.41 2.69 -13.73
C LEU C 304 -46.27 3.64 -14.09
N ASN C 313 -38.30 2.46 -5.05
CA ASN C 313 -37.62 2.09 -3.80
C ASN C 313 -38.16 0.77 -3.27
N GLY C 314 -37.54 -0.33 -3.70
CA GLY C 314 -37.85 -1.62 -3.11
C GLY C 314 -38.90 -2.45 -3.80
N ALA C 315 -39.29 -2.06 -5.01
CA ALA C 315 -40.30 -2.77 -5.80
C ALA C 315 -39.94 -4.26 -6.02
N GLY C 316 -38.69 -4.50 -6.44
CA GLY C 316 -38.17 -5.85 -6.60
C GLY C 316 -38.11 -6.61 -5.28
N ASP C 317 -37.78 -5.93 -4.19
CA ASP C 317 -37.78 -6.59 -2.87
C ASP C 317 -39.20 -6.94 -2.38
N ALA C 318 -40.12 -6.04 -2.61
CA ALA C 318 -41.54 -6.25 -2.35
C ALA C 318 -42.10 -7.43 -3.16
N PHE C 319 -41.71 -7.50 -4.42
CA PHE C 319 -42.07 -8.63 -5.30
C PHE C 319 -41.71 -9.93 -4.61
N VAL C 320 -40.46 -10.02 -4.13
CA VAL C 320 -40.01 -11.23 -3.45
C VAL C 320 -40.83 -11.51 -2.21
N GLY C 321 -41.13 -10.45 -1.45
CA GLY C 321 -41.93 -10.57 -0.22
C GLY C 321 -43.29 -11.22 -0.47
N GLY C 322 -43.98 -10.72 -1.50
CA GLY C 322 -45.27 -11.29 -1.93
C GLY C 322 -45.16 -12.74 -2.32
N PHE C 323 -44.12 -13.05 -3.11
CA PHE C 323 -43.85 -14.41 -3.55
C PHE C 323 -43.67 -15.34 -2.34
N LEU C 324 -42.90 -14.86 -1.37
CA LEU C 324 -42.57 -15.65 -0.18
C LEU C 324 -43.79 -15.81 0.73
N ALA C 325 -44.61 -14.77 0.83
CA ALA C 325 -45.84 -14.88 1.64
C ALA C 325 -46.68 -16.07 1.14
N GLN C 326 -46.77 -16.23 -0.19
CA GLN C 326 -47.55 -17.33 -0.76
C GLN C 326 -46.80 -18.66 -0.77
N LEU C 327 -45.49 -18.61 -0.98
CA LEU C 327 -44.70 -19.83 -0.91
C LEU C 327 -44.86 -20.48 0.46
N LEU C 328 -44.84 -19.65 1.50
CA LEU C 328 -44.94 -20.13 2.87
C LEU C 328 -46.31 -20.76 3.15
N GLN C 329 -47.30 -20.43 2.32
CA GLN C 329 -48.64 -21.03 2.43
C GLN C 329 -48.89 -22.19 1.48
N SER C 330 -47.81 -22.82 1.00
CA SER C 330 -47.88 -23.87 -0.02
C SER C 330 -48.70 -23.56 -1.27
N ARG C 331 -48.79 -22.28 -1.64
CA ARG C 331 -49.50 -21.92 -2.87
C ARG C 331 -48.66 -22.22 -4.11
N THR C 332 -49.30 -22.42 -5.26
CA THR C 332 -48.57 -22.82 -6.47
C THR C 332 -47.87 -21.58 -7.03
N VAL C 333 -46.80 -21.79 -7.79
CA VAL C 333 -45.90 -20.70 -8.17
C VAL C 333 -46.60 -19.52 -8.87
N ASP C 334 -47.68 -19.80 -9.61
CA ASP C 334 -48.44 -18.73 -10.30
C ASP C 334 -49.08 -17.76 -9.30
N VAL C 335 -49.57 -18.34 -8.21
CA VAL C 335 -50.12 -17.55 -7.12
C VAL C 335 -49.02 -16.73 -6.44
N CYS C 336 -47.90 -17.39 -6.15
CA CYS C 336 -46.73 -16.73 -5.56
C CYS C 336 -46.31 -15.52 -6.39
N ILE C 337 -46.26 -15.69 -7.70
CA ILE C 337 -45.82 -14.62 -8.60
C ILE C 337 -46.81 -13.47 -8.72
N LYS C 338 -48.09 -13.77 -8.88
CA LYS C 338 -49.13 -12.73 -8.92
C LYS C 338 -49.14 -11.93 -7.62
N CYS C 339 -49.02 -12.61 -6.49
CA CYS C 339 -48.91 -11.92 -5.21
C CYS C 339 -47.70 -10.98 -5.15
N GLY C 340 -46.55 -11.45 -5.64
CA GLY C 340 -45.37 -10.58 -5.77
C GLY C 340 -45.64 -9.35 -6.61
N ILE C 341 -46.36 -9.54 -7.73
CA ILE C 341 -46.73 -8.42 -8.63
C ILE C 341 -47.66 -7.44 -7.92
N TRP C 342 -48.66 -7.99 -7.24
CA TRP C 342 -49.55 -7.19 -6.41
C TRP C 342 -48.78 -6.35 -5.36
N ALA C 343 -47.88 -6.99 -4.62
CA ALA C 343 -47.11 -6.35 -3.55
C ALA C 343 -46.21 -5.24 -4.10
N ALA C 344 -45.55 -5.50 -5.23
CA ALA C 344 -44.76 -4.47 -5.89
C ALA C 344 -45.63 -3.26 -6.24
N ARG C 345 -46.86 -3.53 -6.68
CA ARG C 345 -47.78 -2.46 -7.03
C ARG C 345 -48.24 -1.64 -5.82
N GLU C 346 -48.62 -2.31 -4.73
CA GLU C 346 -48.92 -1.63 -3.45
C GLU C 346 -47.79 -0.68 -2.97
N ILE C 347 -46.58 -1.20 -2.86
CA ILE C 347 -45.41 -0.44 -2.45
C ILE C 347 -45.10 0.72 -3.40
N ILE C 348 -45.45 0.58 -4.68
CA ILE C 348 -45.29 1.65 -5.64
C ILE C 348 -46.33 2.79 -5.49
N GLN C 349 -47.38 2.57 -4.69
CA GLN C 349 -48.47 3.53 -4.55
C GLN C 349 -48.64 4.04 -3.11
PA B4P D . 23.63 22.08 18.27
O1A B4P D . 24.26 22.85 17.12
O2A B4P D . 22.22 22.49 18.69
O3A B4P D . 24.52 22.41 19.56
PB B4P D . 25.24 21.25 20.39
O1B B4P D . 26.36 20.59 19.59
O2B B4P D . 24.25 20.38 21.14
O3B B4P D . 25.87 22.49 21.29
PG B4P D . 25.68 22.77 22.87
O1G B4P D . 24.56 23.71 23.15
O2G B4P D . 25.55 21.41 23.53
O3G B4P D . 27.07 23.42 23.32
PD B4P D . 27.43 24.91 23.79
O1D B4P D . 26.66 25.86 22.94
O2D B4P D . 27.44 25.06 25.28
O5E B4P D . 23.72 20.48 18.00
C5E B4P D . 23.41 20.17 16.66
C4E B4P D . 23.29 18.69 16.38
O4E B4P D . 22.28 18.05 17.18
C3E B4P D . 22.80 18.53 14.96
O3E B4P D . 23.96 18.12 14.21
C2E B4P D . 21.77 17.41 15.02
O2E B4P D . 21.98 16.35 14.08
C1E B4P D . 21.85 16.91 16.47
N9A B4P D . 20.51 16.50 16.94
C8A B4P D . 19.40 17.29 17.14
N7A B4P D . 18.38 16.50 17.55
C5A B4P D . 18.83 15.20 17.60
C6A B4P D . 18.26 13.97 17.96
N6A B4P D . 16.95 13.82 18.33
N1A B4P D . 19.02 12.84 17.87
C2A B4P D . 20.32 12.90 17.51
N3A B4P D . 20.89 14.09 17.17
C4A B4P D . 20.18 15.23 17.22
O5F B4P D . 28.94 24.95 23.25
C5F B4P D . 29.86 23.89 23.48
C4F B4P D . 31.25 24.46 23.27
O4F B4P D . 31.36 25.21 22.04
C3F B4P D . 31.57 25.51 24.33
O3F B4P D . 31.97 24.87 25.54
C2F B4P D . 32.68 26.31 23.66
O2F B4P D . 33.95 25.65 23.83
C1F B4P D . 32.24 26.33 22.19
N9B B4P D . 31.45 27.58 21.96
C8B B4P D . 30.11 27.67 21.91
N7B B4P D . 29.73 28.95 21.71
C5B B4P D . 30.83 29.73 21.64
C6B B4P D . 31.07 31.09 21.47
N6B B4P D . 30.03 31.94 21.31
N1B B4P D . 32.37 31.54 21.45
C2B B4P D . 33.42 30.69 21.60
N3B B4P D . 33.23 29.35 21.78
C4B B4P D . 31.97 28.82 21.82
MG MG E . 24.39 19.70 22.97
CL CL F . 22.77 10.92 18.82
PA B4P G . 12.51 -8.74 -21.54
O1A B4P G . 13.02 -10.17 -21.45
O2A B4P G . 13.07 -7.83 -22.62
O3A B4P G . 12.89 -8.09 -20.13
PB B4P G . 11.82 -7.31 -19.24
O1B B4P G . 10.77 -8.30 -18.77
O2B B4P G . 11.39 -6.03 -19.93
O3B B4P G . 13.03 -7.09 -18.13
PG B4P G . 13.64 -5.63 -17.70
O1G B4P G . 14.89 -5.23 -18.43
O2G B4P G . 12.50 -4.63 -17.69
O3G B4P G . 14.04 -5.90 -16.14
PD B4P G . 15.48 -5.99 -15.41
O1D B4P G . 16.43 -6.77 -16.24
O2D B4P G . 15.82 -4.62 -14.87
O5E B4P G . 10.88 -8.69 -21.65
C5E B4P G . 10.32 -9.83 -22.28
C4E B4P G . 8.95 -9.61 -22.86
O4E B4P G . 8.79 -8.39 -23.58
C3E B4P G . 8.73 -10.72 -23.86
O3E B4P G . 7.97 -11.73 -23.20
C2E B4P G . 7.98 -10.06 -24.99
O2E B4P G . 6.75 -10.73 -25.25
C1E B4P G . 7.73 -8.63 -24.49
N9A B4P G . 7.71 -7.63 -25.56
C8A B4P G . 8.74 -7.26 -26.37
N7A B4P G . 8.31 -6.32 -27.23
C5A B4P G . 7.02 -6.09 -26.97
C6A B4P G . 6.07 -5.24 -27.52
N6A B4P G . 6.40 -4.43 -28.54
N1A B4P G . 4.80 -5.23 -27.02
C2A B4P G . 4.47 -6.05 -26.01
N3A B4P G . 5.38 -6.88 -25.45
C4A B4P G . 6.64 -6.91 -25.92
O5F B4P G . 15.08 -6.96 -14.21
C5F B4P G . 13.97 -6.69 -13.39
C4F B4P G . 14.18 -7.45 -12.09
O4F B4P G . 14.66 -8.75 -12.42
C3F B4P G . 15.28 -6.87 -11.24
O3F B4P G . 14.79 -5.85 -10.42
C2F B4P G . 15.70 -8.05 -10.41
O2F B4P G . 14.79 -8.20 -9.32
C1F B4P G . 15.54 -9.20 -11.39
N9B B4P G . 16.86 -9.54 -11.98
C8B B4P G . 17.34 -9.21 -13.18
N7B B4P G . 18.60 -9.69 -13.35
C5B B4P G . 18.93 -10.35 -12.22
C6B B4P G . 20.03 -11.05 -11.75
N6B B4P G . 21.14 -11.21 -12.51
N1B B4P G . 19.99 -11.58 -10.50
C2B B4P G . 18.91 -11.47 -9.71
N3B B4P G . 17.81 -10.80 -10.08
C4B B4P G . 17.77 -10.24 -11.32
MG MG H . 11.00 -4.48 -19.39
CL CL I . 2.22 -5.16 -23.56
PA B4P J . -34.06 -0.71 -5.77
O1A B4P J . -34.70 0.61 -5.45
O2A B4P J . -32.76 -0.79 -6.55
O3A B4P J . -35.14 -1.52 -6.63
PB B4P J . -35.28 -3.08 -6.42
O1B B4P J . -36.22 -3.24 -5.24
O2B B4P J . -33.93 -3.76 -6.41
O3B B4P J . -36.00 -3.21 -7.90
PG B4P J . -35.57 -4.21 -9.10
O1G B4P J . -34.89 -3.54 -10.26
O2G B4P J . -35.04 -5.51 -8.56
O3G B4P J . -37.03 -4.68 -9.59
PD B4P J . -37.83 -4.17 -10.89
O1D B4P J . -37.53 -2.72 -11.13
O2D B4P J . -37.59 -5.18 -11.98
O5E B4P J . -33.89 -1.50 -4.36
C5E B4P J . -33.66 -0.62 -3.25
C4E B4P J . -33.05 -1.29 -2.03
O4E B4P J . -31.79 -1.96 -2.30
C3E B4P J . -32.73 -0.21 -1.02
O3E B4P J . -33.74 -0.25 -0.02
C2E B4P J . -31.36 -0.59 -0.46
O2E B4P J . -31.42 -0.73 0.96
C1E B4P J . -31.06 -1.96 -1.08
N9A B4P J . -29.60 -2.11 -1.28
C8A B4P J . -28.81 -1.41 -2.12
N7A B4P J . -27.53 -1.86 -2.00
C5A B4P J . -27.55 -2.83 -1.06
C6A B4P J . -26.59 -3.63 -0.52
N6A B4P J . -25.30 -3.51 -0.93
N1A B4P J . -26.92 -4.52 0.42
C2A B4P J . -28.18 -4.66 0.84
N3A B4P J . -29.15 -3.91 0.33
C4A B4P J . -28.85 -2.99 -0.61
O5F B4P J . -39.33 -4.30 -10.38
C5F B4P J . -39.82 -5.44 -9.68
C4F B4P J . -41.34 -5.43 -9.81
O4F B4P J . -41.84 -4.12 -9.51
C3F B4P J . -41.81 -5.65 -11.25
O3F B4P J . -41.84 -7.04 -11.61
C2F B4P J . -43.18 -5.02 -11.25
O2F B4P J . -44.12 -5.95 -10.70
C1F B4P J . -42.98 -3.81 -10.34
N9B B4P J . -42.72 -2.59 -11.13
C8B B4P J . -41.51 -2.02 -11.32
N7B B4P J . -41.60 -0.90 -12.11
C5B B4P J . -42.90 -0.74 -12.43
C6B B4P J . -43.65 0.18 -13.18
N6B B4P J . -43.06 1.23 -13.81
N1B B4P J . -44.99 0.01 -13.27
C2B B4P J . -45.63 -1.02 -12.66
N3B B4P J . -44.99 -1.94 -11.92
C4B B4P J . -43.63 -1.86 -11.78
MG MG K . -33.51 -5.77 -6.97
CL CL L . -29.67 -7.71 1.78
#